data_3LZC
#
_entry.id   3LZC
#
_cell.length_a   59.008
_cell.length_b   82.598
_cell.length_c   160.753
_cell.angle_alpha   90.000
_cell.angle_beta   90.000
_cell.angle_gamma   90.000
#
_symmetry.space_group_name_H-M   'P 21 21 21'
#
loop_
_entity.id
_entity.type
_entity.pdbx_description
1 polymer Dph2
2 water water
#
_entity_poly.entity_id   1
_entity_poly.type   'polypeptide(L)'
_entity_poly.pdbx_seq_one_letter_code
;MGSHHHHHHDITSLYKKAGSAAAVLEENLYFQGSFTMLHEIPKSEILKELKRIGAKRVLIQSPEGLRREAEELAGFLEEN
NIEVFLHGEINYGACDPADREAKLVGCDALIHLGHSYMKLPLEVPTIFVPAFARVSVVEALKENIGEIKKLGRKIIVTTT
AQHIHQLKEAKEFLESEGFEVSIGRGDSRISWPGQVLGCNYSVAKVRGEGILFIGSGIFHPLGLAVATRKKVLAIDPYTK
AFSWIDPERFIRKRWAQIAKAMDAKKFGVIVSIKKGQLRLAEAKRIVKLLKKHGREARLIVMNDVNYHKLEGFPFEAYVV
VACPRVPLDDYGAWRKPVLTPKEVEILLGLREEYEFDEILGGPRESDEPFGISIHSTR
;
_entity_poly.pdbx_strand_id   A,B
#
# COMPACT_ATOMS: atom_id res chain seq x y z
N MET A 37 11.07 -15.47 -29.86
CA MET A 37 9.77 -14.84 -30.03
C MET A 37 8.98 -14.74 -28.71
N LEU A 38 8.12 -15.73 -28.50
CA LEU A 38 6.99 -15.64 -27.57
C LEU A 38 7.25 -15.89 -26.08
N HIS A 39 8.26 -16.70 -25.74
CA HIS A 39 8.38 -17.25 -24.39
C HIS A 39 9.37 -16.57 -23.44
N GLU A 40 10.11 -15.60 -23.95
CA GLU A 40 10.99 -14.79 -23.11
C GLU A 40 10.63 -13.30 -23.27
N ILE A 41 11.26 -12.45 -22.48
CA ILE A 41 11.00 -11.01 -22.61
C ILE A 41 11.66 -10.43 -23.87
N PRO A 42 10.84 -9.86 -24.77
CA PRO A 42 11.28 -9.36 -26.08
C PRO A 42 11.91 -7.99 -25.98
N LYS A 43 13.10 -7.93 -25.40
CA LYS A 43 13.79 -6.66 -25.15
C LYS A 43 13.72 -5.68 -26.32
N SER A 44 14.08 -6.17 -27.51
CA SER A 44 14.13 -5.33 -28.72
C SER A 44 12.79 -4.77 -29.16
N GLU A 45 11.75 -5.60 -29.17
CA GLU A 45 10.42 -5.13 -29.49
C GLU A 45 9.97 -4.06 -28.50
N ILE A 46 10.18 -4.33 -27.21
CA ILE A 46 9.89 -3.36 -26.16
C ILE A 46 10.62 -2.05 -26.39
N LEU A 47 11.94 -2.14 -26.62
CA LEU A 47 12.74 -0.98 -26.95
C LEU A 47 12.18 -0.23 -28.17
N LYS A 48 11.74 -1.00 -29.17
CA LYS A 48 11.23 -0.40 -30.41
C LYS A 48 9.94 0.38 -30.18
N GLU A 49 9.04 -0.15 -29.35
CA GLU A 49 7.79 0.55 -29.08
C GLU A 49 8.00 1.82 -28.24
N LEU A 50 9.01 1.80 -27.39
CA LEU A 50 9.37 2.96 -26.59
C LEU A 50 9.94 4.06 -27.47
N LYS A 51 10.83 3.67 -28.38
CA LYS A 51 11.37 4.61 -29.35
C LYS A 51 10.26 5.31 -30.14
N ARG A 52 9.36 4.51 -30.70
CA ARG A 52 8.24 5.04 -31.48
C ARG A 52 7.45 6.09 -30.71
N ILE A 53 7.33 5.87 -29.40
CA ILE A 53 6.63 6.77 -28.49
C ILE A 53 7.42 8.05 -28.21
N GLY A 54 8.74 7.93 -28.23
CA GLY A 54 9.60 8.98 -27.72
C GLY A 54 9.70 9.00 -26.19
N ALA A 55 9.60 7.82 -25.58
CA ALA A 55 9.70 7.70 -24.12
C ALA A 55 11.16 7.70 -23.68
N LYS A 56 11.48 8.57 -22.73
CA LYS A 56 12.84 8.65 -22.23
C LYS A 56 12.97 8.18 -20.77
N ARG A 57 11.83 7.97 -20.11
CA ARG A 57 11.84 7.45 -18.74
C ARG A 57 10.64 6.56 -18.49
N VAL A 58 10.88 5.34 -18.04
CA VAL A 58 9.80 4.39 -17.85
C VAL A 58 9.84 3.75 -16.45
N LEU A 59 8.66 3.33 -15.98
CA LEU A 59 8.51 2.57 -14.74
C LEU A 59 8.14 1.13 -15.07
N ILE A 60 8.85 0.17 -14.49
CA ILE A 60 8.57 -1.25 -14.73
C ILE A 60 7.89 -1.93 -13.53
N GLN A 61 6.67 -2.42 -13.73
CA GLN A 61 5.96 -3.24 -12.75
C GLN A 61 6.27 -4.71 -12.98
N SER A 62 6.37 -5.47 -11.90
CA SER A 62 6.59 -6.90 -12.02
C SER A 62 5.93 -7.66 -10.89
N PRO A 63 5.51 -8.90 -11.18
CA PRO A 63 5.00 -9.86 -10.20
C PRO A 63 6.16 -10.65 -9.59
N GLU A 64 5.84 -11.49 -8.59
CA GLU A 64 6.87 -12.18 -7.80
C GLU A 64 7.88 -12.98 -8.62
N GLY A 65 7.41 -13.74 -9.61
CA GLY A 65 8.31 -14.58 -10.36
C GLY A 65 9.23 -13.88 -11.35
N LEU A 66 9.04 -12.58 -11.57
CA LEU A 66 9.82 -11.90 -12.60
C LEU A 66 10.63 -10.72 -12.06
N ARG A 67 10.87 -10.70 -10.74
CA ARG A 67 11.65 -9.62 -10.13
C ARG A 67 13.03 -9.45 -10.77
N ARG A 68 13.77 -10.55 -10.98
CA ARG A 68 15.07 -10.47 -11.62
C ARG A 68 15.00 -10.10 -13.11
N GLU A 69 13.98 -10.58 -13.80
CA GLU A 69 13.81 -10.26 -15.21
C GLU A 69 13.55 -8.75 -15.39
N ALA A 70 12.79 -8.18 -14.46
CA ALA A 70 12.52 -6.74 -14.42
C ALA A 70 13.81 -5.91 -14.46
N GLU A 71 14.79 -6.32 -13.67
CA GLU A 71 16.05 -5.56 -13.56
C GLU A 71 16.95 -5.81 -14.78
N GLU A 72 16.89 -7.02 -15.33
CA GLU A 72 17.64 -7.32 -16.55
C GLU A 72 17.14 -6.45 -17.71
N LEU A 73 15.83 -6.35 -17.84
CA LEU A 73 15.23 -5.44 -18.82
C LEU A 73 15.58 -3.97 -18.54
N ALA A 74 15.55 -3.55 -17.28
CA ALA A 74 15.94 -2.18 -16.93
C ALA A 74 17.37 -1.90 -17.41
N GLY A 75 18.31 -2.79 -17.06
CA GLY A 75 19.69 -2.64 -17.48
C GLY A 75 19.82 -2.52 -18.99
N PHE A 76 19.06 -3.33 -19.72
CA PHE A 76 19.14 -3.28 -21.17
C PHE A 76 18.63 -1.95 -21.71
N LEU A 77 17.48 -1.51 -21.22
CA LEU A 77 16.93 -0.25 -21.69
C LEU A 77 17.81 0.96 -21.33
N GLU A 78 18.50 0.89 -20.19
CA GLU A 78 19.38 1.98 -19.78
C GLU A 78 20.61 2.07 -20.67
N GLU A 79 21.05 0.91 -21.19
CA GLU A 79 22.12 0.87 -22.18
C GLU A 79 21.68 1.56 -23.45
N ASN A 80 20.37 1.77 -23.60
CA ASN A 80 19.83 2.39 -24.79
C ASN A 80 19.23 3.74 -24.51
N ASN A 81 19.77 4.41 -23.48
CA ASN A 81 19.42 5.80 -23.20
C ASN A 81 17.98 6.03 -22.75
N ILE A 82 17.42 5.03 -22.09
CA ILE A 82 16.13 5.22 -21.44
C ILE A 82 16.32 5.11 -19.95
N GLU A 83 15.87 6.12 -19.22
CA GLU A 83 15.98 6.09 -17.77
C GLU A 83 14.90 5.15 -17.25
N VAL A 84 15.29 4.17 -16.43
CA VAL A 84 14.34 3.19 -15.90
C VAL A 84 14.22 3.22 -14.37
N PHE A 85 12.99 3.32 -13.87
CA PHE A 85 12.70 3.08 -12.46
C PHE A 85 11.96 1.75 -12.34
N LEU A 86 12.19 1.02 -11.24
CA LEU A 86 11.44 -0.18 -10.92
C LEU A 86 10.31 0.14 -9.95
N HIS A 87 9.16 -0.51 -10.14
CA HIS A 87 8.10 -0.39 -9.13
C HIS A 87 8.38 -1.39 -8.01
N GLY A 88 8.43 -0.89 -6.77
CA GLY A 88 8.86 -1.68 -5.63
C GLY A 88 7.77 -2.56 -5.05
N GLU A 89 6.51 -2.19 -5.27
CA GLU A 89 5.41 -3.04 -4.84
C GLU A 89 5.42 -4.36 -5.60
N ILE A 90 4.75 -5.37 -5.06
CA ILE A 90 4.60 -6.62 -5.79
C ILE A 90 3.24 -6.62 -6.49
N ASN A 91 3.25 -6.72 -7.81
CA ASN A 91 2.03 -6.64 -8.57
C ASN A 91 1.29 -7.98 -8.69
N TYR A 92 -0.05 -7.93 -8.66
CA TYR A 92 -0.82 -9.17 -8.74
C TYR A 92 -1.84 -9.25 -9.88
N GLY A 93 -1.70 -8.38 -10.87
CA GLY A 93 -2.65 -8.35 -11.96
C GLY A 93 -2.76 -7.02 -12.68
N ALA A 94 -3.21 -7.11 -13.92
CA ALA A 94 -3.39 -5.95 -14.76
C ALA A 94 -4.56 -5.09 -14.25
N CYS A 95 -5.33 -5.61 -13.29
CA CYS A 95 -6.35 -4.80 -12.61
C CYS A 95 -5.70 -3.71 -11.73
N ASP A 96 -4.39 -3.74 -11.61
CA ASP A 96 -3.71 -2.77 -10.73
C ASP A 96 -2.44 -2.20 -11.40
N PRO A 97 -2.63 -1.44 -12.50
CA PRO A 97 -1.47 -0.81 -13.17
C PRO A 97 -0.96 0.34 -12.33
N ALA A 98 0.36 0.57 -12.38
CA ALA A 98 1.00 1.60 -11.58
C ALA A 98 1.14 2.88 -12.40
N ASP A 99 0.09 3.21 -13.12
CA ASP A 99 0.18 4.29 -14.11
C ASP A 99 0.06 5.67 -13.45
N ARG A 100 -0.74 5.79 -12.40
CA ARG A 100 -0.75 7.02 -11.63
C ARG A 100 0.63 7.29 -10.99
N GLU A 101 1.23 6.27 -10.41
CA GLU A 101 2.57 6.37 -9.85
C GLU A 101 3.59 6.74 -10.91
N ALA A 102 3.48 6.12 -12.08
CA ALA A 102 4.36 6.46 -13.19
C ALA A 102 4.28 7.96 -13.43
N LYS A 103 3.06 8.46 -13.49
CA LYS A 103 2.83 9.87 -13.72
C LYS A 103 3.49 10.76 -12.64
N LEU A 104 3.26 10.43 -11.37
CA LEU A 104 3.81 11.22 -10.27
C LEU A 104 5.33 11.39 -10.30
N VAL A 105 6.05 10.37 -10.75
CA VAL A 105 7.52 10.45 -10.80
C VAL A 105 8.09 10.81 -12.17
N GLY A 106 7.24 11.31 -13.06
CA GLY A 106 7.71 11.86 -14.32
C GLY A 106 8.06 10.85 -15.41
N CYS A 107 7.48 9.66 -15.34
CA CYS A 107 7.72 8.64 -16.37
C CYS A 107 6.84 8.87 -17.61
N ASP A 108 7.41 8.60 -18.79
CA ASP A 108 6.71 8.72 -20.08
C ASP A 108 5.79 7.56 -20.37
N ALA A 109 6.13 6.40 -19.82
CA ALA A 109 5.35 5.20 -20.06
C ALA A 109 5.52 4.21 -18.92
N LEU A 110 4.62 3.25 -18.86
CA LEU A 110 4.68 2.17 -17.92
C LEU A 110 4.91 0.84 -18.66
N ILE A 111 5.83 0.02 -18.17
CA ILE A 111 5.89 -1.36 -18.64
C ILE A 111 5.28 -2.28 -17.57
N HIS A 112 4.32 -3.10 -18.00
CA HIS A 112 3.66 -4.01 -17.08
C HIS A 112 3.99 -5.47 -17.41
N LEU A 113 4.93 -6.03 -16.67
CA LEU A 113 5.38 -7.40 -16.94
C LEU A 113 4.46 -8.45 -16.36
N GLY A 114 4.26 -9.52 -17.14
CA GLY A 114 3.63 -10.73 -16.65
C GLY A 114 2.13 -10.80 -16.81
N HIS A 115 1.50 -9.72 -17.25
CA HIS A 115 0.07 -9.76 -17.44
C HIS A 115 -0.34 -9.09 -18.75
N SER A 116 -1.56 -9.37 -19.18
CA SER A 116 -2.09 -8.79 -20.40
C SER A 116 -3.16 -7.77 -20.05
N TYR A 117 -3.46 -6.90 -21.02
CA TYR A 117 -4.34 -5.75 -20.81
C TYR A 117 -5.77 -6.15 -20.49
N MET A 118 -6.37 -5.44 -19.54
CA MET A 118 -7.82 -5.45 -19.34
C MET A 118 -8.33 -4.01 -19.42
N LYS A 119 -9.58 -3.83 -19.82
CA LYS A 119 -10.06 -2.48 -20.13
C LYS A 119 -10.04 -1.56 -18.92
N LEU A 120 -9.15 -0.57 -18.96
CA LEU A 120 -8.99 0.43 -17.91
C LEU A 120 -8.51 1.73 -18.53
N PRO A 121 -8.95 2.87 -17.96
CA PRO A 121 -8.30 4.13 -18.34
C PRO A 121 -6.86 4.14 -17.78
N LEU A 122 -5.93 4.72 -18.53
CA LEU A 122 -4.52 4.74 -18.15
C LEU A 122 -3.96 6.15 -18.36
N GLU A 123 -3.15 6.59 -17.40
CA GLU A 123 -2.62 7.97 -17.43
C GLU A 123 -1.35 8.13 -18.26
N VAL A 124 -0.68 7.02 -18.55
CA VAL A 124 0.49 7.03 -19.42
C VAL A 124 0.43 5.83 -20.38
N PRO A 125 1.10 5.94 -21.54
CA PRO A 125 1.13 4.76 -22.41
C PRO A 125 1.70 3.56 -21.65
N THR A 126 1.07 2.39 -21.80
CA THR A 126 1.52 1.19 -21.10
C THR A 126 1.74 0.00 -22.02
N ILE A 127 2.93 -0.56 -21.96
CA ILE A 127 3.28 -1.78 -22.66
C ILE A 127 3.02 -2.99 -21.76
N PHE A 128 2.12 -3.87 -22.17
CA PHE A 128 1.88 -5.12 -21.44
C PHE A 128 2.72 -6.24 -22.02
N VAL A 129 3.26 -7.08 -21.13
CA VAL A 129 4.18 -8.14 -21.54
C VAL A 129 3.78 -9.46 -20.90
N PRO A 130 2.70 -10.09 -21.43
CA PRO A 130 2.17 -11.30 -20.82
C PRO A 130 3.16 -12.47 -20.86
N ALA A 131 2.97 -13.40 -19.92
CA ALA A 131 3.84 -14.55 -19.77
C ALA A 131 3.14 -15.76 -20.34
N PHE A 132 3.87 -16.51 -21.17
CA PHE A 132 3.34 -17.71 -21.80
C PHE A 132 4.21 -18.90 -21.42
N ALA A 133 3.63 -19.86 -20.71
CA ALA A 133 4.35 -21.07 -20.35
C ALA A 133 4.61 -21.91 -21.60
N ARG A 134 5.66 -22.73 -21.56
CA ARG A 134 6.10 -23.47 -22.74
C ARG A 134 5.42 -24.83 -22.94
N VAL A 135 4.97 -25.46 -21.86
CA VAL A 135 4.43 -26.83 -21.95
C VAL A 135 3.36 -27.03 -23.04
N SER A 136 3.55 -28.09 -23.84
CA SER A 136 2.56 -28.49 -24.85
C SER A 136 1.40 -29.22 -24.18
N VAL A 137 0.20 -28.67 -24.35
CA VAL A 137 -0.96 -29.12 -23.57
C VAL A 137 -1.61 -30.43 -24.08
N VAL A 138 -1.46 -30.70 -25.38
CA VAL A 138 -2.14 -31.82 -26.02
C VAL A 138 -1.83 -33.20 -25.41
N GLU A 139 -0.56 -33.49 -25.16
CA GLU A 139 -0.16 -34.76 -24.54
C GLU A 139 -1.01 -35.08 -23.32
N ALA A 140 -1.26 -34.08 -22.47
CA ALA A 140 -2.00 -34.28 -21.24
C ALA A 140 -3.46 -34.58 -21.56
N LEU A 141 -3.94 -34.02 -22.66
CA LEU A 141 -5.28 -34.28 -23.14
C LEU A 141 -5.38 -35.70 -23.67
N LYS A 142 -4.42 -36.09 -24.51
CA LYS A 142 -4.38 -37.44 -25.06
C LYS A 142 -4.44 -38.49 -23.96
N GLU A 143 -3.63 -38.30 -22.93
CA GLU A 143 -3.61 -39.20 -21.80
C GLU A 143 -5.02 -39.39 -21.23
N ASN A 144 -5.79 -38.31 -21.16
CA ASN A 144 -7.05 -38.32 -20.43
C ASN A 144 -8.32 -38.25 -21.30
N ILE A 145 -8.15 -38.54 -22.59
CA ILE A 145 -9.25 -38.51 -23.55
C ILE A 145 -10.50 -39.25 -23.04
N GLY A 146 -10.28 -40.39 -22.38
CA GLY A 146 -11.37 -41.12 -21.75
C GLY A 146 -12.22 -40.28 -20.80
N GLU A 147 -11.56 -39.62 -19.84
CA GLU A 147 -12.26 -38.78 -18.87
C GLU A 147 -12.95 -37.59 -19.51
N ILE A 148 -12.34 -37.01 -20.54
CA ILE A 148 -12.90 -35.85 -21.23
C ILE A 148 -14.21 -36.22 -21.90
N LYS A 149 -14.31 -37.46 -22.39
CA LYS A 149 -15.51 -37.94 -23.05
C LYS A 149 -16.74 -37.90 -22.13
N LYS A 150 -16.52 -38.08 -20.84
CA LYS A 150 -17.63 -38.07 -19.89
C LYS A 150 -18.24 -36.70 -19.69
N LEU A 151 -17.79 -35.69 -20.44
CA LEU A 151 -18.38 -34.35 -20.35
C LEU A 151 -19.53 -34.20 -21.34
N GLY A 152 -19.61 -35.12 -22.29
CA GLY A 152 -20.61 -35.05 -23.33
C GLY A 152 -19.95 -34.78 -24.67
N ARG A 153 -20.76 -34.58 -25.70
CA ARG A 153 -20.24 -34.35 -27.05
C ARG A 153 -19.86 -32.89 -27.25
N LYS A 154 -20.70 -31.98 -26.75
CA LYS A 154 -20.42 -30.56 -26.87
C LYS A 154 -19.82 -30.02 -25.55
N ILE A 155 -18.55 -29.65 -25.61
CA ILE A 155 -17.83 -29.22 -24.41
C ILE A 155 -17.32 -27.77 -24.48
N ILE A 156 -17.25 -27.14 -23.31
CA ILE A 156 -16.73 -25.78 -23.15
C ILE A 156 -15.27 -25.85 -22.68
N VAL A 157 -14.37 -25.18 -23.39
CA VAL A 157 -12.95 -25.29 -23.08
C VAL A 157 -12.38 -23.97 -22.58
N THR A 158 -11.68 -24.04 -21.44
CA THR A 158 -11.13 -22.86 -20.77
C THR A 158 -9.72 -23.11 -20.29
N THR A 159 -8.96 -22.02 -20.16
CA THR A 159 -7.62 -22.10 -19.62
C THR A 159 -7.20 -20.77 -18.97
N THR A 160 -5.95 -20.69 -18.49
CA THR A 160 -5.47 -19.43 -17.91
C THR A 160 -4.52 -18.79 -18.92
N ALA A 161 -4.12 -17.55 -18.66
CA ALA A 161 -3.34 -16.75 -19.59
C ALA A 161 -2.06 -17.42 -20.05
N GLN A 162 -1.43 -18.18 -19.16
CA GLN A 162 -0.13 -18.74 -19.45
C GLN A 162 -0.17 -19.93 -20.41
N HIS A 163 -1.37 -20.45 -20.69
CA HIS A 163 -1.53 -21.51 -21.71
C HIS A 163 -2.42 -21.05 -22.85
N ILE A 164 -2.75 -19.76 -22.87
CA ILE A 164 -3.75 -19.29 -23.84
C ILE A 164 -3.34 -19.53 -25.30
N HIS A 165 -2.04 -19.47 -25.57
CA HIS A 165 -1.53 -19.64 -26.93
C HIS A 165 -1.63 -21.09 -27.40
N GLN A 166 -1.82 -22.00 -26.44
CA GLN A 166 -2.03 -23.42 -26.73
C GLN A 166 -3.51 -23.77 -26.93
N LEU A 167 -4.41 -22.82 -26.77
CA LEU A 167 -5.84 -23.13 -26.82
C LEU A 167 -6.24 -23.63 -28.21
N LYS A 168 -5.61 -23.07 -29.24
CA LYS A 168 -5.89 -23.42 -30.63
C LYS A 168 -5.57 -24.88 -30.92
N GLU A 169 -4.40 -25.32 -30.47
CA GLU A 169 -4.02 -26.73 -30.59
C GLU A 169 -5.00 -27.64 -29.88
N ALA A 170 -5.36 -27.26 -28.65
CA ALA A 170 -6.26 -28.08 -27.85
C ALA A 170 -7.61 -28.27 -28.55
N LYS A 171 -8.16 -27.18 -29.07
CA LYS A 171 -9.40 -27.21 -29.80
C LYS A 171 -9.30 -28.14 -31.03
N GLU A 172 -8.29 -27.91 -31.86
CA GLU A 172 -8.07 -28.70 -33.07
C GLU A 172 -7.94 -30.18 -32.72
N PHE A 173 -7.27 -30.47 -31.61
CA PHE A 173 -7.12 -31.85 -31.20
C PHE A 173 -8.45 -32.48 -30.79
N LEU A 174 -9.20 -31.77 -29.95
CA LEU A 174 -10.44 -32.29 -29.41
C LEU A 174 -11.46 -32.53 -30.52
N GLU A 175 -11.46 -31.64 -31.51
CA GLU A 175 -12.37 -31.77 -32.64
C GLU A 175 -12.02 -33.00 -33.47
N SER A 176 -10.72 -33.20 -33.68
CA SER A 176 -10.22 -34.37 -34.40
C SER A 176 -10.55 -35.67 -33.65
N GLU A 177 -11.00 -35.55 -32.41
CA GLU A 177 -11.48 -36.73 -31.69
C GLU A 177 -12.99 -36.70 -31.59
N GLY A 178 -13.61 -35.74 -32.26
CA GLY A 178 -15.06 -35.72 -32.37
C GLY A 178 -15.86 -34.87 -31.39
N PHE A 179 -15.20 -34.06 -30.57
CA PHE A 179 -15.95 -33.15 -29.72
C PHE A 179 -16.43 -31.98 -30.54
N GLU A 180 -17.47 -31.30 -30.08
CA GLU A 180 -17.75 -29.97 -30.57
C GLU A 180 -17.20 -28.98 -29.53
N VAL A 181 -16.31 -28.09 -29.95
CA VAL A 181 -15.66 -27.20 -28.98
C VAL A 181 -16.24 -25.79 -28.96
N SER A 182 -16.88 -25.42 -27.86
CA SER A 182 -17.28 -24.03 -27.73
C SER A 182 -16.34 -23.25 -26.79
N ILE A 183 -15.92 -22.08 -27.23
CA ILE A 183 -15.05 -21.20 -26.47
C ILE A 183 -15.65 -19.79 -26.43
N GLY A 184 -15.99 -19.32 -25.22
CA GLY A 184 -16.55 -17.99 -25.07
C GLY A 184 -15.55 -16.85 -25.26
N ARG A 185 -16.01 -15.69 -25.68
CA ARG A 185 -15.12 -14.56 -25.87
C ARG A 185 -14.77 -13.89 -24.56
N GLY A 186 -15.71 -13.91 -23.61
CA GLY A 186 -15.54 -13.22 -22.34
C GLY A 186 -15.75 -11.72 -22.48
N ASP A 187 -15.84 -11.03 -21.34
CA ASP A 187 -16.15 -9.60 -21.35
C ASP A 187 -14.86 -8.77 -21.35
N SER A 188 -14.95 -7.48 -21.04
CA SER A 188 -13.84 -6.56 -21.23
C SER A 188 -12.71 -6.69 -20.17
N ARG A 189 -12.92 -7.51 -19.15
CA ARG A 189 -11.85 -7.83 -18.20
C ARG A 189 -11.01 -9.01 -18.67
N ILE A 190 -11.48 -9.70 -19.71
CA ILE A 190 -10.75 -10.82 -20.28
C ILE A 190 -9.97 -10.29 -21.45
N SER A 191 -8.78 -10.86 -21.67
CA SER A 191 -7.90 -10.49 -22.79
C SER A 191 -8.04 -11.36 -24.07
N TRP A 192 -8.43 -12.62 -23.90
CA TRP A 192 -8.58 -13.53 -25.04
C TRP A 192 -9.73 -14.51 -24.84
N PRO A 193 -10.40 -14.92 -25.95
CA PRO A 193 -11.41 -15.98 -25.83
C PRO A 193 -10.85 -17.19 -25.10
N GLY A 194 -11.61 -17.81 -24.20
CA GLY A 194 -11.15 -19.00 -23.49
C GLY A 194 -10.39 -18.79 -22.17
N GLN A 195 -10.05 -17.53 -21.87
CA GLN A 195 -9.23 -17.18 -20.71
C GLN A 195 -10.08 -16.91 -19.48
N VAL A 196 -9.80 -17.59 -18.38
CA VAL A 196 -10.48 -17.27 -17.12
C VAL A 196 -9.54 -16.49 -16.20
N LEU A 197 -10.12 -15.61 -15.38
CA LEU A 197 -9.41 -14.92 -14.29
C LEU A 197 -10.06 -15.33 -12.98
N GLY A 198 -9.34 -15.16 -11.88
CA GLY A 198 -9.86 -15.62 -10.60
C GLY A 198 -11.23 -15.08 -10.24
N CYS A 199 -11.49 -13.85 -10.65
CA CYS A 199 -12.75 -13.16 -10.35
C CYS A 199 -13.71 -13.08 -11.56
N ASN A 200 -13.43 -13.85 -12.61
CA ASN A 200 -14.21 -13.69 -13.83
C ASN A 200 -14.19 -14.92 -14.73
N TYR A 201 -15.34 -15.57 -14.85
CA TYR A 201 -15.47 -16.79 -15.65
C TYR A 201 -16.40 -16.59 -16.82
N SER A 202 -16.38 -15.38 -17.37
CA SER A 202 -17.35 -15.01 -18.38
C SER A 202 -17.18 -15.80 -19.68
N VAL A 203 -15.96 -16.27 -19.96
CA VAL A 203 -15.71 -17.05 -21.16
C VAL A 203 -16.43 -18.40 -21.06
N ALA A 204 -16.97 -18.71 -19.89
CA ALA A 204 -17.59 -20.01 -19.69
C ALA A 204 -19.11 -19.95 -19.82
N LYS A 205 -19.67 -18.74 -19.89
CA LYS A 205 -21.12 -18.53 -20.01
C LYS A 205 -21.62 -18.72 -21.45
N VAL A 206 -21.47 -19.94 -21.96
CA VAL A 206 -21.86 -20.27 -23.31
C VAL A 206 -22.56 -21.62 -23.29
N ARG A 207 -23.18 -22.00 -24.41
CA ARG A 207 -23.86 -23.28 -24.50
C ARG A 207 -22.82 -24.41 -24.45
N GLY A 208 -23.10 -25.42 -23.64
CA GLY A 208 -22.22 -26.57 -23.56
C GLY A 208 -22.58 -27.47 -22.41
N GLU A 209 -22.38 -28.77 -22.61
CA GLU A 209 -22.74 -29.77 -21.61
C GLU A 209 -21.83 -29.70 -20.38
N GLY A 210 -20.53 -29.66 -20.61
CA GLY A 210 -19.55 -29.71 -19.55
C GLY A 210 -18.36 -28.81 -19.87
N ILE A 211 -17.62 -28.45 -18.83
CA ILE A 211 -16.50 -27.53 -18.98
C ILE A 211 -15.16 -28.24 -18.78
N LEU A 212 -14.25 -28.09 -19.74
CA LEU A 212 -12.88 -28.54 -19.55
C LEU A 212 -11.98 -27.36 -19.14
N PHE A 213 -11.20 -27.53 -18.08
CA PHE A 213 -10.20 -26.54 -17.67
C PHE A 213 -8.75 -27.05 -17.76
N ILE A 214 -7.96 -26.40 -18.61
CA ILE A 214 -6.55 -26.76 -18.75
C ILE A 214 -5.65 -25.86 -17.88
N GLY A 215 -5.09 -26.42 -16.82
CA GLY A 215 -4.18 -25.67 -15.98
C GLY A 215 -3.99 -26.29 -14.62
N SER A 216 -3.24 -25.59 -13.78
CA SER A 216 -2.89 -26.09 -12.44
C SER A 216 -3.68 -25.39 -11.36
N GLY A 217 -3.69 -25.99 -10.19
CA GLY A 217 -4.31 -25.35 -9.05
C GLY A 217 -5.79 -25.61 -8.98
N ILE A 218 -6.40 -25.16 -7.89
CA ILE A 218 -7.73 -25.56 -7.53
C ILE A 218 -8.69 -24.40 -7.60
N PHE A 219 -8.20 -23.18 -7.32
CA PHE A 219 -9.08 -22.02 -7.31
C PHE A 219 -9.88 -21.81 -8.61
N HIS A 220 -9.22 -21.85 -9.76
CA HIS A 220 -9.93 -21.61 -11.02
C HIS A 220 -11.01 -22.65 -11.34
N PRO A 221 -10.66 -23.94 -11.37
CA PRO A 221 -11.69 -24.91 -11.74
C PRO A 221 -12.86 -24.89 -10.75
N LEU A 222 -12.55 -24.60 -9.49
CA LEU A 222 -13.57 -24.49 -8.45
C LEU A 222 -14.46 -23.26 -8.68
N GLY A 223 -13.84 -22.13 -9.00
CA GLY A 223 -14.61 -20.97 -9.40
C GLY A 223 -15.51 -21.26 -10.58
N LEU A 224 -15.03 -22.03 -11.55
CA LEU A 224 -15.83 -22.35 -12.73
C LEU A 224 -17.11 -23.07 -12.36
N ALA A 225 -16.96 -24.16 -11.62
CA ALA A 225 -18.08 -24.99 -11.19
C ALA A 225 -19.10 -24.19 -10.37
N VAL A 226 -18.62 -23.38 -9.43
CA VAL A 226 -19.51 -22.58 -8.59
C VAL A 226 -20.24 -21.52 -9.41
N ALA A 227 -19.56 -20.99 -10.42
CA ALA A 227 -20.12 -19.90 -11.21
C ALA A 227 -21.01 -20.39 -12.33
N THR A 228 -20.85 -21.65 -12.73
CA THR A 228 -21.67 -22.16 -13.83
C THR A 228 -22.59 -23.29 -13.40
N ARG A 229 -22.34 -23.85 -12.22
CA ARG A 229 -23.09 -25.00 -11.75
C ARG A 229 -23.06 -26.13 -12.79
N LYS A 230 -22.06 -26.10 -13.67
CA LYS A 230 -21.88 -27.17 -14.64
C LYS A 230 -20.78 -28.14 -14.23
N LYS A 231 -20.79 -29.34 -14.81
CA LYS A 231 -19.74 -30.32 -14.58
C LYS A 231 -18.37 -29.78 -15.05
N VAL A 232 -17.37 -29.79 -14.18
CA VAL A 232 -16.03 -29.33 -14.56
C VAL A 232 -14.94 -30.38 -14.38
N LEU A 233 -14.18 -30.60 -15.45
CA LEU A 233 -13.05 -31.51 -15.41
C LEU A 233 -11.74 -30.72 -15.58
N ALA A 234 -10.85 -30.81 -14.60
CA ALA A 234 -9.57 -30.09 -14.63
C ALA A 234 -8.41 -31.00 -15.04
N ILE A 235 -7.62 -30.55 -16.01
CA ILE A 235 -6.42 -31.29 -16.40
C ILE A 235 -5.14 -30.42 -16.32
N ASP A 236 -4.19 -30.84 -15.50
CA ASP A 236 -2.91 -30.17 -15.30
C ASP A 236 -1.95 -30.63 -16.40
N PRO A 237 -1.43 -29.68 -17.21
CA PRO A 237 -0.60 -30.04 -18.38
C PRO A 237 0.79 -30.54 -18.01
N TYR A 238 1.21 -30.26 -16.77
CA TYR A 238 2.53 -30.68 -16.30
C TYR A 238 2.49 -32.13 -15.84
N THR A 239 1.59 -32.43 -14.90
CA THR A 239 1.56 -33.75 -14.31
C THR A 239 0.69 -34.73 -15.10
N LYS A 240 -0.13 -34.20 -16.01
CA LYS A 240 -1.15 -34.98 -16.72
C LYS A 240 -2.23 -35.52 -15.79
N ALA A 241 -2.28 -35.00 -14.56
CA ALA A 241 -3.29 -35.45 -13.61
C ALA A 241 -4.63 -34.80 -13.93
N PHE A 242 -5.72 -35.43 -13.52
CA PHE A 242 -7.04 -34.85 -13.71
C PHE A 242 -7.84 -34.84 -12.41
N SER A 243 -8.90 -34.05 -12.40
CA SER A 243 -9.76 -33.96 -11.23
C SER A 243 -11.18 -33.52 -11.61
N TRP A 244 -12.18 -34.19 -11.06
CA TRP A 244 -13.55 -33.75 -11.23
C TRP A 244 -13.92 -32.89 -10.04
N ILE A 245 -14.28 -31.64 -10.30
CA ILE A 245 -14.48 -30.66 -9.24
C ILE A 245 -15.77 -30.87 -8.46
N ASP A 246 -15.64 -31.02 -7.14
CA ASP A 246 -16.81 -31.07 -6.26
C ASP A 246 -16.82 -29.86 -5.35
N PRO A 247 -17.67 -28.88 -5.67
CA PRO A 247 -17.73 -27.63 -4.92
C PRO A 247 -18.43 -27.77 -3.57
N GLU A 248 -18.91 -28.97 -3.24
CA GLU A 248 -19.70 -29.18 -2.03
C GLU A 248 -18.94 -28.74 -0.77
N ARG A 249 -17.69 -29.21 -0.67
CA ARG A 249 -16.84 -28.86 0.47
C ARG A 249 -16.61 -27.36 0.57
N PHE A 250 -16.59 -26.67 -0.56
CA PHE A 250 -16.34 -25.23 -0.57
C PHE A 250 -17.58 -24.45 -0.17
N ILE A 251 -18.72 -24.81 -0.73
CA ILE A 251 -19.96 -24.10 -0.46
C ILE A 251 -20.37 -24.27 0.99
N ARG A 252 -20.21 -25.48 1.51
CA ARG A 252 -20.49 -25.73 2.92
C ARG A 252 -19.60 -24.87 3.82
N LYS A 253 -18.32 -24.73 3.45
CA LYS A 253 -17.42 -23.79 4.16
C LYS A 253 -17.98 -22.38 4.15
N ARG A 254 -18.61 -21.99 3.05
CA ARG A 254 -19.07 -20.61 2.92
C ARG A 254 -20.32 -20.36 3.76
N TRP A 255 -21.13 -21.39 3.93
CA TRP A 255 -22.30 -21.28 4.78
C TRP A 255 -21.87 -21.10 6.24
N ALA A 256 -20.88 -21.87 6.67
CA ALA A 256 -20.34 -21.74 8.01
C ALA A 256 -19.92 -20.30 8.28
N GLN A 257 -19.10 -19.76 7.39
CA GLN A 257 -18.63 -18.39 7.49
C GLN A 257 -19.81 -17.42 7.60
N ILE A 258 -20.87 -17.69 6.85
CA ILE A 258 -22.07 -16.85 6.95
C ILE A 258 -22.73 -17.03 8.31
N ALA A 259 -22.73 -18.26 8.81
CA ALA A 259 -23.29 -18.55 10.12
C ALA A 259 -22.68 -17.61 11.16
N LYS A 260 -21.35 -17.54 11.17
CA LYS A 260 -20.62 -16.76 12.15
C LYS A 260 -21.01 -15.28 12.13
N ALA A 261 -21.37 -14.78 10.96
CA ALA A 261 -21.73 -13.36 10.81
C ALA A 261 -23.18 -13.08 11.19
N MET A 262 -23.94 -14.12 11.51
CA MET A 262 -25.36 -13.98 11.80
C MET A 262 -25.63 -13.15 13.07
N ASP A 263 -24.63 -13.07 13.95
CA ASP A 263 -24.75 -12.34 15.21
C ASP A 263 -24.32 -10.89 15.09
N ALA A 264 -23.36 -10.64 14.19
CA ALA A 264 -22.77 -9.32 14.04
C ALA A 264 -23.79 -8.19 13.92
N LYS A 265 -23.45 -7.02 14.46
CA LYS A 265 -24.29 -5.84 14.35
C LYS A 265 -23.51 -4.69 13.70
N LYS A 266 -22.19 -4.78 13.77
CA LYS A 266 -21.30 -3.75 13.23
C LYS A 266 -20.55 -4.33 12.03
N PHE A 267 -20.66 -3.64 10.90
CA PHE A 267 -20.10 -4.14 9.63
C PHE A 267 -19.16 -3.16 8.98
N GLY A 268 -17.98 -3.65 8.59
CA GLY A 268 -17.07 -2.88 7.75
C GLY A 268 -17.17 -3.29 6.28
N VAL A 269 -17.44 -2.32 5.42
CA VAL A 269 -17.66 -2.61 3.99
C VAL A 269 -16.54 -2.03 3.18
N ILE A 270 -15.75 -2.93 2.58
CA ILE A 270 -14.42 -2.60 2.11
C ILE A 270 -14.29 -2.46 0.59
N VAL A 271 -13.79 -1.31 0.15
CA VAL A 271 -13.38 -1.15 -1.26
C VAL A 271 -11.87 -0.98 -1.40
N SER A 272 -11.37 -1.33 -2.57
CA SER A 272 -9.98 -1.10 -2.93
C SER A 272 -9.84 -0.10 -4.09
N ILE A 273 -8.95 0.87 -3.93
CA ILE A 273 -8.77 1.88 -4.95
C ILE A 273 -7.88 1.46 -6.14
N LYS A 274 -7.45 0.20 -6.18
CA LYS A 274 -6.78 -0.31 -7.37
C LYS A 274 -7.70 -0.05 -8.57
N LYS A 275 -7.14 0.46 -9.66
CA LYS A 275 -7.99 0.93 -10.76
C LYS A 275 -9.08 -0.07 -11.20
N GLY A 276 -8.69 -1.32 -11.35
CA GLY A 276 -9.62 -2.34 -11.83
C GLY A 276 -10.37 -3.06 -10.73
N GLN A 277 -10.27 -2.59 -9.49
CA GLN A 277 -10.97 -3.24 -8.38
C GLN A 277 -11.98 -2.34 -7.64
N LEU A 278 -12.03 -1.06 -7.99
CA LEU A 278 -12.85 -0.09 -7.24
C LEU A 278 -14.36 -0.17 -7.50
N ARG A 279 -15.09 -0.75 -6.54
CA ARG A 279 -16.55 -0.95 -6.66
C ARG A 279 -17.37 -0.06 -5.71
N LEU A 280 -17.22 1.25 -5.87
CA LEU A 280 -17.82 2.21 -4.95
C LEU A 280 -19.36 2.13 -4.86
N ALA A 281 -20.03 2.23 -6.00
CA ALA A 281 -21.50 2.24 -6.00
C ALA A 281 -22.07 0.95 -5.39
N GLU A 282 -21.45 -0.19 -5.71
CA GLU A 282 -21.92 -1.46 -5.15
C GLU A 282 -21.63 -1.56 -3.64
N ALA A 283 -20.59 -0.86 -3.18
CA ALA A 283 -20.25 -0.89 -1.76
C ALA A 283 -21.28 -0.05 -0.99
N LYS A 284 -21.52 1.15 -1.48
CA LYS A 284 -22.61 1.99 -0.98
C LYS A 284 -23.98 1.26 -0.92
N ARG A 285 -24.27 0.42 -1.91
CA ARG A 285 -25.52 -0.35 -1.89
C ARG A 285 -25.54 -1.25 -0.67
N ILE A 286 -24.46 -1.98 -0.48
CA ILE A 286 -24.36 -2.95 0.62
C ILE A 286 -24.44 -2.28 1.99
N VAL A 287 -23.96 -1.04 2.06
CA VAL A 287 -24.03 -0.31 3.32
C VAL A 287 -25.50 0.01 3.58
N LYS A 288 -26.14 0.59 2.58
CA LYS A 288 -27.57 0.94 2.65
C LYS A 288 -28.42 -0.28 2.98
N LEU A 289 -28.15 -1.39 2.32
CA LEU A 289 -28.86 -2.64 2.59
C LEU A 289 -28.73 -3.06 4.04
N LEU A 290 -27.50 -3.09 4.53
CA LEU A 290 -27.23 -3.52 5.90
C LEU A 290 -27.98 -2.70 6.94
N LYS A 291 -27.93 -1.38 6.77
CA LYS A 291 -28.65 -0.48 7.65
C LYS A 291 -30.16 -0.72 7.57
N LYS A 292 -30.66 -0.90 6.35
CA LYS A 292 -32.08 -1.15 6.13
C LYS A 292 -32.51 -2.43 6.83
N HIS A 293 -31.57 -3.33 7.08
CA HIS A 293 -31.91 -4.57 7.79
C HIS A 293 -31.41 -4.54 9.23
N GLY A 294 -31.25 -3.34 9.75
CA GLY A 294 -30.99 -3.13 11.16
C GLY A 294 -29.53 -3.09 11.60
N ARG A 295 -28.64 -3.71 10.82
CA ARG A 295 -27.21 -3.73 11.14
C ARG A 295 -26.57 -2.35 10.99
N GLU A 296 -25.50 -2.11 11.75
CA GLU A 296 -24.66 -0.93 11.51
C GLU A 296 -23.66 -1.25 10.39
N ALA A 297 -23.36 -0.26 9.55
CA ALA A 297 -22.42 -0.48 8.45
C ALA A 297 -21.58 0.75 8.12
N ARG A 298 -20.31 0.50 7.88
CA ARG A 298 -19.36 1.55 7.51
C ARG A 298 -18.58 1.18 6.27
N LEU A 299 -18.43 2.15 5.37
CA LEU A 299 -17.62 1.95 4.17
C LEU A 299 -16.16 2.33 4.44
N ILE A 300 -15.28 1.36 4.21
CA ILE A 300 -13.85 1.50 4.41
C ILE A 300 -13.07 1.45 3.08
N VAL A 301 -12.21 2.43 2.86
CA VAL A 301 -11.43 2.57 1.64
C VAL A 301 -9.97 2.15 1.84
N MET A 302 -9.51 1.11 1.15
CA MET A 302 -8.11 0.70 1.21
C MET A 302 -7.45 0.64 -0.17
N ASN A 303 -6.15 0.35 -0.17
CA ASN A 303 -5.47 -0.09 -1.38
C ASN A 303 -5.34 -1.61 -1.37
N ASP A 304 -4.29 -2.09 -0.72
CA ASP A 304 -4.17 -3.51 -0.44
C ASP A 304 -5.12 -3.86 0.71
N VAL A 305 -5.96 -4.85 0.49
CA VAL A 305 -6.93 -5.27 1.48
C VAL A 305 -6.35 -6.37 2.35
N ASN A 306 -6.19 -6.09 3.65
CA ASN A 306 -5.82 -7.15 4.59
C ASN A 306 -6.26 -6.88 6.03
N TYR A 307 -6.48 -7.96 6.77
CA TYR A 307 -7.07 -7.87 8.10
C TYR A 307 -6.25 -7.06 9.10
N HIS A 308 -4.95 -7.31 9.17
CA HIS A 308 -4.10 -6.68 10.19
C HIS A 308 -4.34 -5.18 10.30
N LYS A 309 -4.50 -4.53 9.16
CA LYS A 309 -4.75 -3.09 9.15
C LYS A 309 -6.07 -2.74 9.82
N LEU A 310 -6.99 -3.71 9.88
CA LEU A 310 -8.34 -3.48 10.38
C LEU A 310 -8.54 -3.88 11.86
N GLU A 311 -7.53 -4.52 12.43
CA GLU A 311 -7.60 -5.07 13.80
C GLU A 311 -8.12 -4.12 14.90
N GLY A 312 -7.76 -2.84 14.83
CA GLY A 312 -8.17 -1.85 15.83
C GLY A 312 -9.60 -1.33 15.71
N PHE A 313 -10.27 -1.66 14.60
CA PHE A 313 -11.65 -1.20 14.36
C PHE A 313 -12.66 -2.03 15.14
N PRO A 314 -13.82 -1.45 15.38
CA PRO A 314 -14.85 -2.02 16.21
C PRO A 314 -15.73 -3.06 15.55
N PHE A 315 -15.61 -3.22 14.25
CA PHE A 315 -16.54 -4.06 13.47
C PHE A 315 -16.38 -5.55 13.80
N GLU A 316 -17.51 -6.27 13.80
CA GLU A 316 -17.52 -7.69 14.17
C GLU A 316 -17.50 -8.56 12.93
N ALA A 317 -17.72 -7.95 11.78
CA ALA A 317 -17.63 -8.68 10.52
C ALA A 317 -17.43 -7.73 9.33
N TYR A 318 -16.91 -8.27 8.25
CA TYR A 318 -16.50 -7.46 7.09
C TYR A 318 -17.11 -7.91 5.77
N VAL A 319 -17.30 -6.94 4.89
CA VAL A 319 -17.70 -7.25 3.53
C VAL A 319 -16.68 -6.70 2.57
N VAL A 320 -16.02 -7.60 1.85
CA VAL A 320 -15.05 -7.16 0.85
C VAL A 320 -15.74 -7.11 -0.50
N VAL A 321 -15.83 -5.90 -1.04
CA VAL A 321 -16.42 -5.66 -2.35
C VAL A 321 -15.28 -5.22 -3.24
N ALA A 322 -14.48 -6.18 -3.68
CA ALA A 322 -13.31 -5.85 -4.46
C ALA A 322 -12.96 -7.08 -5.26
N CYS A 323 -11.84 -7.70 -4.88
CA CYS A 323 -11.42 -8.95 -5.48
C CYS A 323 -11.82 -10.12 -4.57
N PRO A 324 -12.76 -10.94 -5.03
CA PRO A 324 -13.35 -12.06 -4.29
C PRO A 324 -12.32 -13.09 -3.80
N ARG A 325 -11.11 -13.08 -4.37
CA ARG A 325 -10.05 -13.97 -3.91
C ARG A 325 -9.72 -13.71 -2.43
N VAL A 326 -9.94 -12.48 -1.98
CA VAL A 326 -9.63 -12.14 -0.60
C VAL A 326 -10.45 -12.97 0.42
N PRO A 327 -11.79 -12.87 0.37
CA PRO A 327 -12.62 -13.63 1.33
C PRO A 327 -12.74 -15.11 0.98
N LEU A 328 -12.78 -15.43 -0.31
CA LEU A 328 -13.01 -16.81 -0.76
C LEU A 328 -11.78 -17.70 -0.72
N ASP A 329 -10.59 -17.10 -0.67
CA ASP A 329 -9.36 -17.89 -0.66
C ASP A 329 -8.46 -17.60 0.56
N ASP A 330 -9.08 -17.18 1.66
CA ASP A 330 -8.36 -16.86 2.90
C ASP A 330 -7.78 -18.12 3.56
N TYR A 331 -6.47 -18.11 3.78
CA TYR A 331 -5.80 -19.26 4.37
C TYR A 331 -6.00 -19.31 5.89
N GLY A 332 -6.32 -18.16 6.50
CA GLY A 332 -6.61 -18.10 7.92
C GLY A 332 -6.26 -16.77 8.58
N ALA A 333 -5.85 -15.79 7.76
CA ALA A 333 -5.41 -14.49 8.27
C ALA A 333 -6.52 -13.60 8.82
N TRP A 334 -7.75 -13.77 8.32
CA TRP A 334 -8.89 -13.00 8.79
C TRP A 334 -9.48 -13.63 10.06
N ARG A 335 -9.40 -12.88 11.16
CA ARG A 335 -9.80 -13.39 12.47
C ARG A 335 -11.26 -13.05 12.79
N LYS A 336 -11.86 -12.23 11.94
CA LYS A 336 -13.28 -11.92 12.00
C LYS A 336 -13.91 -12.34 10.69
N PRO A 337 -15.23 -12.63 10.70
CA PRO A 337 -15.95 -13.13 9.52
C PRO A 337 -15.91 -12.14 8.36
N VAL A 338 -15.43 -12.61 7.22
CA VAL A 338 -15.29 -11.74 6.05
C VAL A 338 -16.08 -12.29 4.85
N LEU A 339 -16.93 -11.46 4.27
CA LEU A 339 -17.87 -11.94 3.26
C LEU A 339 -17.78 -11.22 1.92
N THR A 340 -18.25 -11.91 0.88
CA THR A 340 -18.51 -11.29 -0.42
C THR A 340 -19.90 -10.68 -0.34
N PRO A 341 -20.20 -9.73 -1.24
CA PRO A 341 -21.53 -9.09 -1.27
C PRO A 341 -22.66 -10.10 -1.49
N LYS A 342 -22.46 -11.04 -2.40
CA LYS A 342 -23.44 -12.09 -2.64
C LYS A 342 -23.83 -12.75 -1.33
N GLU A 343 -22.82 -13.02 -0.51
CA GLU A 343 -23.02 -13.72 0.76
C GLU A 343 -23.71 -12.86 1.82
N VAL A 344 -23.66 -11.55 1.65
CA VAL A 344 -24.38 -10.65 2.55
C VAL A 344 -25.88 -10.77 2.31
N GLU A 345 -26.27 -10.69 1.05
CA GLU A 345 -27.67 -10.80 0.65
C GLU A 345 -28.28 -12.10 1.19
N ILE A 346 -27.53 -13.18 1.13
CA ILE A 346 -27.99 -14.44 1.73
C ILE A 346 -28.24 -14.30 3.23
N LEU A 347 -27.32 -13.63 3.92
CA LEU A 347 -27.40 -13.44 5.37
C LEU A 347 -28.63 -12.65 5.81
N LEU A 348 -28.91 -11.56 5.11
CA LEU A 348 -30.09 -10.76 5.37
C LEU A 348 -31.35 -11.47 4.85
N GLY A 349 -31.19 -12.72 4.41
CA GLY A 349 -32.30 -13.50 3.89
C GLY A 349 -32.90 -12.97 2.60
N LEU A 350 -32.05 -12.46 1.72
CA LEU A 350 -32.50 -11.93 0.43
C LEU A 350 -32.11 -12.84 -0.72
N ARG A 351 -31.29 -13.85 -0.43
CA ARG A 351 -30.95 -14.86 -1.42
C ARG A 351 -31.22 -16.22 -0.84
N GLU A 352 -31.45 -17.21 -1.70
CA GLU A 352 -31.70 -18.56 -1.22
C GLU A 352 -30.58 -19.52 -1.63
N GLU A 353 -29.92 -19.20 -2.74
CA GLU A 353 -28.91 -20.08 -3.29
C GLU A 353 -27.57 -19.36 -3.47
N TYR A 354 -26.50 -20.08 -3.20
CA TYR A 354 -25.16 -19.50 -3.32
C TYR A 354 -24.84 -19.05 -4.73
N GLU A 355 -24.25 -17.85 -4.84
CA GLU A 355 -23.70 -17.40 -6.10
C GLU A 355 -22.29 -16.86 -5.92
N PHE A 356 -21.42 -17.19 -6.87
CA PHE A 356 -20.04 -16.71 -6.87
C PHE A 356 -20.04 -15.22 -7.22
N ASP A 357 -19.21 -14.47 -6.53
CA ASP A 357 -19.11 -13.03 -6.75
C ASP A 357 -18.07 -12.76 -7.84
N GLU A 358 -18.50 -12.24 -8.96
CA GLU A 358 -17.58 -11.97 -10.05
C GLU A 358 -17.48 -10.47 -10.25
N ILE A 359 -16.31 -10.01 -10.66
CA ILE A 359 -16.17 -8.66 -11.16
C ILE A 359 -16.35 -8.78 -12.67
N LEU A 360 -17.44 -8.19 -13.18
CA LEU A 360 -17.79 -8.32 -14.59
C LEU A 360 -17.50 -7.03 -15.32
N GLY A 361 -17.10 -7.14 -16.60
CA GLY A 361 -16.92 -5.98 -17.45
C GLY A 361 -18.04 -5.93 -18.47
N GLY A 362 -17.96 -5.00 -19.42
CA GLY A 362 -18.91 -4.93 -20.51
C GLY A 362 -18.37 -5.61 -21.75
N PRO A 363 -19.06 -5.41 -22.88
CA PRO A 363 -18.68 -6.08 -24.14
C PRO A 363 -17.27 -5.69 -24.57
N ARG A 364 -16.50 -6.66 -25.02
CA ARG A 364 -15.16 -6.40 -25.52
C ARG A 364 -15.20 -6.44 -27.04
N GLU A 365 -14.78 -5.35 -27.69
CA GLU A 365 -14.85 -5.25 -29.14
C GLU A 365 -13.75 -6.05 -29.86
N SER A 366 -12.56 -6.10 -29.28
CA SER A 366 -11.47 -6.84 -29.91
C SER A 366 -10.70 -7.75 -28.95
N ASP A 367 -9.68 -8.42 -29.48
CA ASP A 367 -8.87 -9.32 -28.66
C ASP A 367 -7.44 -8.80 -28.56
N GLU A 368 -6.76 -9.15 -27.48
CA GLU A 368 -5.35 -8.80 -27.31
C GLU A 368 -4.48 -9.71 -28.17
N PRO A 369 -3.30 -9.22 -28.59
CA PRO A 369 -2.35 -10.05 -29.33
C PRO A 369 -1.69 -11.08 -28.43
N PHE A 370 -1.07 -12.09 -29.03
CA PHE A 370 -0.27 -13.05 -28.28
C PHE A 370 1.18 -12.58 -28.30
N GLY A 371 1.48 -11.62 -27.43
CA GLY A 371 2.75 -10.93 -27.45
C GLY A 371 2.53 -9.62 -26.75
N ILE A 372 3.46 -8.69 -26.86
CA ILE A 372 3.28 -7.42 -26.18
C ILE A 372 2.15 -6.64 -26.83
N SER A 373 1.47 -5.82 -26.02
CA SER A 373 0.52 -4.85 -26.51
C SER A 373 0.92 -3.50 -25.95
N ILE A 374 0.40 -2.44 -26.57
CA ILE A 374 0.59 -1.11 -26.03
C ILE A 374 -0.74 -0.39 -26.08
N HIS A 375 -1.08 0.27 -24.99
CA HIS A 375 -2.39 0.88 -24.81
C HIS A 375 -2.22 2.27 -24.22
N SER A 376 -3.18 3.13 -24.47
CA SER A 376 -3.21 4.42 -23.80
C SER A 376 -4.63 4.96 -23.73
N THR A 377 -4.78 6.02 -22.93
CA THR A 377 -6.00 6.80 -22.88
C THR A 377 -5.50 8.22 -23.07
N ARG A 378 -4.80 8.69 -22.04
CA ARG A 378 -3.96 9.88 -22.12
C ARG A 378 -2.50 9.43 -21.96
N MET B 37 -4.82 7.94 28.10
CA MET B 37 -5.86 8.95 28.27
C MET B 37 -5.51 10.25 27.55
N LEU B 38 -6.13 10.45 26.40
CA LEU B 38 -5.93 11.67 25.61
C LEU B 38 -7.02 12.69 25.87
N HIS B 39 -6.73 13.95 25.57
CA HIS B 39 -7.77 14.94 25.51
C HIS B 39 -8.81 14.44 24.51
N GLU B 40 -10.08 14.64 24.85
CA GLU B 40 -11.19 14.02 24.13
C GLU B 40 -11.45 14.67 22.77
N ILE B 41 -11.79 13.86 21.77
CA ILE B 41 -12.11 14.36 20.42
C ILE B 41 -13.30 15.33 20.41
N PRO B 42 -13.07 16.55 19.92
CA PRO B 42 -14.04 17.64 19.89
C PRO B 42 -15.06 17.46 18.78
N LYS B 43 -15.90 16.43 18.87
CA LYS B 43 -16.92 16.16 17.85
C LYS B 43 -17.68 17.41 17.38
N SER B 44 -18.09 18.25 18.34
CA SER B 44 -18.84 19.47 18.07
C SER B 44 -18.11 20.42 17.12
N GLU B 45 -16.93 20.86 17.55
CA GLU B 45 -16.09 21.79 16.80
C GLU B 45 -15.87 21.29 15.37
N ILE B 46 -15.62 19.99 15.27
CA ILE B 46 -15.37 19.33 13.98
C ILE B 46 -16.60 19.46 13.07
N LEU B 47 -17.75 19.08 13.61
CA LEU B 47 -19.00 19.12 12.83
C LEU B 47 -19.35 20.54 12.37
N LYS B 48 -19.10 21.51 13.24
CA LYS B 48 -19.35 22.91 12.92
C LYS B 48 -18.51 23.31 11.72
N GLU B 49 -17.32 22.72 11.63
CA GLU B 49 -16.37 23.05 10.56
C GLU B 49 -16.78 22.49 9.21
N LEU B 50 -17.29 21.25 9.22
CA LEU B 50 -17.82 20.66 7.99
C LEU B 50 -19.05 21.45 7.55
N LYS B 51 -19.96 21.68 8.48
CA LYS B 51 -21.18 22.43 8.22
C LYS B 51 -20.86 23.69 7.42
N ARG B 52 -19.95 24.49 7.97
CA ARG B 52 -19.50 25.69 7.28
C ARG B 52 -19.02 25.38 5.85
N ILE B 53 -18.08 24.46 5.74
CA ILE B 53 -17.48 24.09 4.47
C ILE B 53 -18.51 23.65 3.42
N GLY B 54 -19.68 23.24 3.89
CA GLY B 54 -20.68 22.67 3.01
C GLY B 54 -20.14 21.36 2.44
N ALA B 55 -19.77 20.47 3.35
CA ALA B 55 -19.22 19.16 3.00
C ALA B 55 -20.22 18.05 3.33
N LYS B 56 -20.53 17.23 2.32
CA LYS B 56 -21.55 16.21 2.44
C LYS B 56 -20.96 14.81 2.66
N ARG B 57 -19.80 14.56 2.07
CA ARG B 57 -19.12 13.27 2.19
C ARG B 57 -17.66 13.44 2.59
N VAL B 58 -17.26 12.78 3.67
CA VAL B 58 -15.89 12.92 4.16
C VAL B 58 -15.19 11.59 4.42
N LEU B 59 -13.87 11.64 4.32
CA LEU B 59 -13.01 10.51 4.67
C LEU B 59 -12.19 10.82 5.92
N ILE B 60 -12.08 9.84 6.81
CA ILE B 60 -11.35 10.02 8.05
C ILE B 60 -10.14 9.11 8.16
N GLN B 61 -8.93 9.68 8.15
CA GLN B 61 -7.76 8.87 8.48
C GLN B 61 -7.40 8.87 9.96
N SER B 62 -6.87 7.74 10.42
CA SER B 62 -6.55 7.55 11.82
C SER B 62 -5.32 6.69 12.01
N PRO B 63 -4.52 6.99 13.07
CA PRO B 63 -3.38 6.18 13.50
C PRO B 63 -3.87 5.01 14.35
N GLU B 64 -2.99 4.04 14.59
CA GLU B 64 -3.33 2.83 15.36
C GLU B 64 -4.11 3.06 16.66
N GLY B 65 -3.69 4.05 17.44
CA GLY B 65 -4.32 4.31 18.73
C GLY B 65 -5.72 4.93 18.68
N LEU B 66 -6.15 5.35 17.49
CA LEU B 66 -7.39 6.10 17.38
C LEU B 66 -8.43 5.47 16.43
N ARG B 67 -8.40 4.15 16.30
CA ARG B 67 -9.32 3.47 15.40
C ARG B 67 -10.75 3.55 15.93
N ARG B 68 -10.94 3.17 17.19
CA ARG B 68 -12.27 3.20 17.80
C ARG B 68 -12.79 4.63 17.85
N GLU B 69 -11.89 5.56 18.15
CA GLU B 69 -12.22 6.98 18.09
C GLU B 69 -12.73 7.37 16.70
N ALA B 70 -12.12 6.82 15.66
CA ALA B 70 -12.46 7.17 14.28
C ALA B 70 -13.91 6.83 13.93
N GLU B 71 -14.31 5.62 14.26
CA GLU B 71 -15.69 5.18 14.02
C GLU B 71 -16.68 5.95 14.90
N GLU B 72 -16.40 6.03 16.20
CA GLU B 72 -17.26 6.81 17.09
C GLU B 72 -17.51 8.17 16.46
N LEU B 73 -16.46 8.83 16.00
CA LEU B 73 -16.62 10.13 15.36
C LEU B 73 -17.49 10.05 14.11
N ALA B 74 -17.42 8.92 13.41
CA ALA B 74 -18.16 8.73 12.16
C ALA B 74 -19.67 8.67 12.40
N GLY B 75 -20.07 7.81 13.34
CA GLY B 75 -21.47 7.69 13.71
C GLY B 75 -22.09 9.05 14.00
N PHE B 76 -21.45 9.82 14.85
CA PHE B 76 -21.88 11.17 15.21
C PHE B 76 -22.13 12.09 13.99
N LEU B 77 -21.20 12.10 13.05
CA LEU B 77 -21.32 12.96 11.86
C LEU B 77 -22.40 12.47 10.89
N GLU B 78 -22.71 11.18 10.97
CA GLU B 78 -23.78 10.62 10.15
C GLU B 78 -25.14 10.85 10.81
N GLU B 79 -25.15 10.93 12.14
CA GLU B 79 -26.31 11.39 12.88
C GLU B 79 -26.67 12.81 12.46
N ASN B 80 -25.67 13.57 12.02
CA ASN B 80 -25.92 14.94 11.58
C ASN B 80 -25.86 15.14 10.07
N ASN B 81 -26.33 14.12 9.36
CA ASN B 81 -26.52 14.20 7.91
C ASN B 81 -25.27 14.44 7.08
N ILE B 82 -24.20 13.72 7.41
CA ILE B 82 -22.97 13.72 6.61
C ILE B 82 -22.51 12.28 6.39
N GLU B 83 -22.15 11.95 5.15
CA GLU B 83 -21.66 10.62 4.81
C GLU B 83 -20.16 10.46 5.10
N VAL B 84 -19.83 9.43 5.86
CA VAL B 84 -18.47 9.21 6.29
C VAL B 84 -17.88 7.90 5.74
N PHE B 85 -16.75 8.03 5.05
CA PHE B 85 -15.88 6.91 4.70
C PHE B 85 -14.67 6.88 5.67
N LEU B 86 -14.28 5.69 6.10
CA LEU B 86 -13.03 5.54 6.87
C LEU B 86 -11.89 5.05 5.99
N HIS B 87 -10.69 5.60 6.21
CA HIS B 87 -9.50 5.08 5.54
C HIS B 87 -9.02 3.84 6.29
N GLY B 88 -8.75 2.78 5.55
CA GLY B 88 -8.41 1.49 6.13
C GLY B 88 -6.92 1.29 6.37
N GLU B 89 -6.11 2.17 5.77
CA GLU B 89 -4.69 2.15 5.99
C GLU B 89 -4.40 2.69 7.40
N ILE B 90 -3.43 2.12 8.10
CA ILE B 90 -3.02 2.76 9.34
C ILE B 90 -2.08 3.91 8.99
N ASN B 91 -2.47 5.11 9.41
CA ASN B 91 -1.69 6.30 9.10
C ASN B 91 -0.58 6.52 10.14
N TYR B 92 0.52 7.16 9.73
CA TYR B 92 1.68 7.36 10.60
C TYR B 92 2.21 8.80 10.65
N GLY B 93 1.53 9.72 9.98
CA GLY B 93 2.00 11.09 9.98
C GLY B 93 1.28 12.00 9.02
N ALA B 94 1.32 13.28 9.33
CA ALA B 94 0.73 14.33 8.50
C ALA B 94 1.56 14.54 7.24
N CYS B 95 2.66 13.82 7.13
CA CYS B 95 3.46 13.81 5.91
C CYS B 95 2.78 12.93 4.85
N ASP B 96 1.71 12.27 5.26
CA ASP B 96 1.03 11.30 4.44
C ASP B 96 -0.49 11.48 4.51
N PRO B 97 -0.99 12.63 4.03
CA PRO B 97 -2.44 12.85 4.02
C PRO B 97 -3.14 12.03 2.92
N ALA B 98 -4.30 11.46 3.23
CA ALA B 98 -5.01 10.63 2.28
C ALA B 98 -5.96 11.49 1.46
N ASP B 99 -5.47 12.64 0.98
CA ASP B 99 -6.33 13.54 0.22
C ASP B 99 -6.60 13.05 -1.22
N ARG B 100 -5.56 12.55 -1.89
CA ARG B 100 -5.72 11.98 -3.21
C ARG B 100 -6.76 10.86 -3.17
N GLU B 101 -6.69 10.01 -2.14
CA GLU B 101 -7.69 8.97 -1.99
C GLU B 101 -9.09 9.56 -1.79
N ALA B 102 -9.20 10.55 -0.91
CA ALA B 102 -10.47 11.26 -0.71
C ALA B 102 -11.08 11.70 -2.07
N LYS B 103 -10.27 12.37 -2.89
CA LYS B 103 -10.67 12.80 -4.22
C LYS B 103 -11.25 11.65 -5.05
N LEU B 104 -10.47 10.58 -5.18
CA LEU B 104 -10.88 9.41 -5.93
C LEU B 104 -12.25 8.88 -5.53
N VAL B 105 -12.52 8.79 -4.24
CA VAL B 105 -13.81 8.25 -3.80
C VAL B 105 -14.88 9.31 -3.63
N GLY B 106 -14.65 10.48 -4.22
CA GLY B 106 -15.66 11.53 -4.27
C GLY B 106 -15.98 12.21 -2.97
N CYS B 107 -14.99 12.36 -2.09
CA CYS B 107 -15.20 13.01 -0.80
C CYS B 107 -15.02 14.53 -0.88
N ASP B 108 -15.76 15.26 -0.06
CA ASP B 108 -15.72 16.72 -0.03
C ASP B 108 -14.55 17.24 0.80
N ALA B 109 -14.24 16.52 1.87
CA ALA B 109 -13.18 16.93 2.81
C ALA B 109 -12.53 15.73 3.49
N LEU B 110 -11.35 15.97 4.07
CA LEU B 110 -10.63 14.95 4.80
C LEU B 110 -10.48 15.34 6.26
N ILE B 111 -10.83 14.42 7.14
CA ILE B 111 -10.48 14.54 8.55
C ILE B 111 -9.21 13.72 8.83
N HIS B 112 -8.19 14.38 9.38
CA HIS B 112 -6.95 13.71 9.73
C HIS B 112 -6.77 13.67 11.25
N LEU B 113 -7.13 12.55 11.85
CA LEU B 113 -7.04 12.37 13.29
C LEU B 113 -5.60 12.21 13.75
N GLY B 114 -5.29 12.80 14.90
CA GLY B 114 -4.11 12.43 15.65
C GLY B 114 -2.83 13.21 15.41
N HIS B 115 -2.79 14.01 14.34
CA HIS B 115 -1.59 14.79 14.03
C HIS B 115 -1.97 16.19 13.65
N SER B 116 -0.95 17.05 13.64
CA SER B 116 -1.10 18.45 13.26
C SER B 116 -0.61 18.62 11.83
N TYR B 117 -0.94 19.77 11.25
CA TYR B 117 -0.61 20.08 9.86
C TYR B 117 0.89 20.36 9.65
N MET B 118 1.46 19.71 8.64
CA MET B 118 2.75 20.14 8.10
C MET B 118 2.51 20.62 6.68
N LYS B 119 3.34 21.56 6.20
CA LYS B 119 3.05 22.24 4.95
C LYS B 119 3.11 21.30 3.74
N LEU B 120 1.96 21.09 3.12
CA LEU B 120 1.86 20.29 1.89
C LEU B 120 0.78 20.86 0.98
N PRO B 121 0.83 20.52 -0.32
CA PRO B 121 -0.34 20.70 -1.19
C PRO B 121 -1.45 19.73 -0.80
N LEU B 122 -2.69 20.21 -0.67
CA LEU B 122 -3.80 19.32 -0.37
C LEU B 122 -4.85 19.45 -1.47
N GLU B 123 -5.44 18.32 -1.86
CA GLU B 123 -6.34 18.28 -3.02
C GLU B 123 -7.79 18.47 -2.64
N VAL B 124 -8.09 18.26 -1.36
CA VAL B 124 -9.41 18.60 -0.83
C VAL B 124 -9.19 19.26 0.53
N PRO B 125 -10.20 19.99 1.03
CA PRO B 125 -10.12 20.60 2.36
C PRO B 125 -9.90 19.58 3.47
N THR B 126 -8.92 19.84 4.34
CA THR B 126 -8.52 18.87 5.36
C THR B 126 -8.57 19.47 6.77
N ILE B 127 -9.21 18.75 7.69
CA ILE B 127 -9.29 19.16 9.08
C ILE B 127 -8.35 18.30 9.92
N PHE B 128 -7.35 18.94 10.52
CA PHE B 128 -6.41 18.22 11.38
C PHE B 128 -6.87 18.26 12.83
N VAL B 129 -6.73 17.12 13.50
CA VAL B 129 -7.18 16.99 14.87
C VAL B 129 -6.05 16.47 15.76
N PRO B 130 -5.13 17.38 16.14
CA PRO B 130 -4.04 17.03 17.06
C PRO B 130 -4.58 16.30 18.29
N ALA B 131 -3.88 15.25 18.69
CA ALA B 131 -4.21 14.54 19.92
C ALA B 131 -3.22 14.93 21.00
N PHE B 132 -3.72 15.39 22.13
CA PHE B 132 -2.84 15.81 23.21
C PHE B 132 -2.95 14.88 24.40
N ALA B 133 -1.82 14.42 24.91
CA ALA B 133 -1.83 13.57 26.09
C ALA B 133 -2.16 14.39 27.33
N ARG B 134 -2.84 13.77 28.29
CA ARG B 134 -3.24 14.49 29.48
C ARG B 134 -2.15 14.42 30.56
N VAL B 135 -1.25 13.44 30.43
CA VAL B 135 -0.24 13.20 31.47
C VAL B 135 0.56 14.46 31.81
N SER B 136 0.86 14.62 33.11
CA SER B 136 1.52 15.82 33.62
C SER B 136 3.04 15.83 33.41
N VAL B 137 3.48 16.67 32.49
CA VAL B 137 4.90 16.83 32.18
C VAL B 137 5.68 17.39 33.38
N VAL B 138 5.16 18.43 34.00
CA VAL B 138 5.81 19.04 35.14
C VAL B 138 6.05 18.06 36.31
N GLU B 139 5.12 17.14 36.55
CA GLU B 139 5.37 16.18 37.63
C GLU B 139 6.58 15.33 37.31
N ALA B 140 6.73 14.96 36.04
CA ALA B 140 7.84 14.16 35.59
C ALA B 140 9.17 14.93 35.72
N LEU B 141 9.12 16.23 35.53
CA LEU B 141 10.31 17.06 35.64
C LEU B 141 10.68 17.25 37.12
N LYS B 142 9.67 17.47 37.97
CA LYS B 142 9.86 17.69 39.42
C LYS B 142 10.59 16.53 40.12
N GLU B 143 10.40 15.33 39.59
CA GLU B 143 11.01 14.13 40.16
C GLU B 143 12.45 13.97 39.73
N ASN B 144 12.91 14.83 38.81
CA ASN B 144 14.22 14.63 38.16
C ASN B 144 15.03 15.91 38.05
N ILE B 145 14.71 16.88 38.89
CA ILE B 145 15.41 18.16 38.88
C ILE B 145 16.93 18.00 38.87
N GLY B 146 17.45 17.13 39.74
CA GLY B 146 18.89 16.91 39.87
C GLY B 146 19.56 16.47 38.58
N GLU B 147 18.92 15.53 37.87
CA GLU B 147 19.43 15.12 36.56
C GLU B 147 19.45 16.28 35.56
N ILE B 148 18.38 17.08 35.57
CA ILE B 148 18.26 18.20 34.64
C ILE B 148 19.34 19.24 34.88
N LYS B 149 19.71 19.44 36.15
CA LYS B 149 20.78 20.37 36.49
C LYS B 149 22.17 19.95 35.92
N LYS B 150 22.39 18.66 35.67
CA LYS B 150 23.62 18.23 35.03
C LYS B 150 23.70 18.65 33.55
N LEU B 151 22.66 19.29 33.02
CA LEU B 151 22.65 19.63 31.61
C LEU B 151 23.29 20.98 31.40
N GLY B 152 23.24 21.82 32.42
CA GLY B 152 23.71 23.18 32.29
C GLY B 152 22.68 24.18 32.81
N ARG B 153 22.98 25.46 32.64
CA ARG B 153 22.09 26.52 33.06
C ARG B 153 21.17 26.91 31.92
N LYS B 154 21.76 27.20 30.76
CA LYS B 154 20.99 27.50 29.58
C LYS B 154 20.76 26.17 28.88
N ILE B 155 19.51 25.78 28.76
CA ILE B 155 19.22 24.48 28.15
C ILE B 155 18.22 24.61 27.03
N ILE B 156 18.30 23.65 26.11
CA ILE B 156 17.40 23.60 24.98
C ILE B 156 16.35 22.55 25.31
N VAL B 157 15.09 22.93 25.20
CA VAL B 157 14.00 22.02 25.55
C VAL B 157 13.17 21.63 24.34
N THR B 158 12.94 20.32 24.18
CA THR B 158 12.21 19.75 23.03
C THR B 158 11.22 18.71 23.52
N THR B 159 10.16 18.49 22.72
CA THR B 159 9.13 17.51 23.03
C THR B 159 8.43 17.04 21.73
N THR B 160 7.43 16.18 21.88
CA THR B 160 6.61 15.76 20.74
C THR B 160 5.19 16.31 20.84
N ALA B 161 4.48 16.26 19.70
CA ALA B 161 3.11 16.77 19.58
C ALA B 161 2.23 16.43 20.76
N GLN B 162 2.37 15.22 21.28
CA GLN B 162 1.48 14.73 22.34
C GLN B 162 1.63 15.54 23.63
N HIS B 163 2.69 16.33 23.74
CA HIS B 163 2.97 17.09 24.96
C HIS B 163 3.15 18.55 24.67
N ILE B 164 3.01 18.95 23.41
CA ILE B 164 3.32 20.32 23.04
C ILE B 164 2.48 21.36 23.81
N HIS B 165 1.28 20.98 24.23
CA HIS B 165 0.39 21.89 24.96
C HIS B 165 0.86 22.20 26.39
N GLN B 166 1.76 21.38 26.94
CA GLN B 166 2.30 21.63 28.29
C GLN B 166 3.72 22.20 28.29
N LEU B 167 4.22 22.55 27.11
CA LEU B 167 5.61 23.01 26.99
C LEU B 167 5.79 24.37 27.62
N LYS B 168 4.76 25.21 27.55
CA LYS B 168 4.80 26.50 28.22
C LYS B 168 4.88 26.34 29.76
N GLU B 169 4.07 25.44 30.32
CA GLU B 169 4.17 25.12 31.74
C GLU B 169 5.56 24.59 32.04
N ALA B 170 6.03 23.65 31.23
CA ALA B 170 7.34 23.05 31.47
C ALA B 170 8.43 24.12 31.48
N LYS B 171 8.34 25.06 30.55
CA LYS B 171 9.28 26.17 30.52
C LYS B 171 9.22 27.07 31.75
N GLU B 172 8.01 27.41 32.19
CA GLU B 172 7.84 28.22 33.38
C GLU B 172 8.37 27.47 34.63
N PHE B 173 8.03 26.19 34.78
CA PHE B 173 8.63 25.43 35.86
C PHE B 173 10.17 25.47 35.83
N LEU B 174 10.77 25.24 34.66
CA LEU B 174 12.22 25.21 34.56
C LEU B 174 12.84 26.56 34.86
N GLU B 175 12.19 27.63 34.43
CA GLU B 175 12.71 28.95 34.72
C GLU B 175 12.65 29.21 36.22
N SER B 176 11.61 28.68 36.87
CA SER B 176 11.45 28.81 38.32
C SER B 176 12.50 27.96 39.04
N GLU B 177 13.14 27.06 38.31
CA GLU B 177 14.25 26.29 38.89
C GLU B 177 15.65 26.83 38.59
N GLY B 178 15.72 28.03 38.02
CA GLY B 178 17.03 28.61 37.72
C GLY B 178 17.57 28.39 36.31
N PHE B 179 16.83 27.70 35.44
CA PHE B 179 17.31 27.45 34.08
C PHE B 179 16.95 28.58 33.15
N GLU B 180 17.82 28.86 32.19
CA GLU B 180 17.43 29.69 31.06
C GLU B 180 16.98 28.73 29.97
N VAL B 181 15.77 28.94 29.45
CA VAL B 181 15.17 27.99 28.52
C VAL B 181 15.16 28.49 27.07
N SER B 182 15.79 27.69 26.21
CA SER B 182 15.92 28.00 24.81
C SER B 182 14.97 27.10 24.04
N ILE B 183 14.05 27.69 23.26
CA ILE B 183 13.15 26.91 22.42
C ILE B 183 13.10 27.40 20.98
N GLY B 184 13.44 26.51 20.04
CA GLY B 184 13.51 26.84 18.62
C GLY B 184 12.19 26.84 17.86
N ARG B 185 12.05 27.80 16.94
CA ARG B 185 10.83 27.89 16.13
C ARG B 185 10.60 26.65 15.28
N GLY B 186 11.67 26.15 14.69
CA GLY B 186 11.56 25.04 13.75
C GLY B 186 11.16 25.51 12.36
N ASP B 187 11.27 24.62 11.38
CA ASP B 187 10.95 24.98 9.97
C ASP B 187 9.53 24.60 9.55
N SER B 188 9.27 24.59 8.24
CA SER B 188 7.90 24.43 7.76
C SER B 188 7.32 23.04 7.97
N ARG B 189 8.19 22.06 8.22
CA ARG B 189 7.70 20.72 8.54
C ARG B 189 7.18 20.64 9.98
N ILE B 190 7.55 21.62 10.80
CA ILE B 190 7.13 21.65 12.20
C ILE B 190 5.85 22.48 12.42
N SER B 191 4.96 21.99 13.28
CA SER B 191 3.74 22.70 13.61
C SER B 191 3.90 23.79 14.69
N TRP B 192 4.70 23.52 15.74
CA TRP B 192 4.88 24.44 16.88
C TRP B 192 6.34 24.55 17.35
N PRO B 193 6.74 25.72 17.88
CA PRO B 193 8.10 25.82 18.45
C PRO B 193 8.34 24.71 19.48
N GLY B 194 9.54 24.17 19.49
CA GLY B 194 9.89 23.07 20.37
C GLY B 194 9.50 21.67 19.94
N GLN B 195 8.75 21.53 18.86
CA GLN B 195 8.33 20.18 18.45
C GLN B 195 9.39 19.52 17.59
N VAL B 196 9.74 18.28 17.91
CA VAL B 196 10.61 17.49 17.03
C VAL B 196 9.81 16.37 16.33
N LEU B 197 10.21 16.03 15.11
CA LEU B 197 9.66 14.86 14.41
C LEU B 197 10.79 13.85 14.14
N GLY B 198 10.44 12.59 13.89
CA GLY B 198 11.48 11.59 13.64
C GLY B 198 12.50 12.01 12.60
N CYS B 199 12.04 12.77 11.61
CA CYS B 199 12.88 13.22 10.50
C CYS B 199 13.41 14.64 10.64
N ASN B 200 13.15 15.29 11.77
CA ASN B 200 13.39 16.73 11.85
C ASN B 200 13.66 17.29 13.25
N TYR B 201 14.83 17.91 13.42
CA TYR B 201 15.24 18.47 14.72
C TYR B 201 15.62 19.95 14.60
N SER B 202 15.00 20.64 13.65
CA SER B 202 15.26 22.07 13.45
C SER B 202 14.93 22.97 14.67
N VAL B 203 14.01 22.57 15.53
CA VAL B 203 13.73 23.35 16.75
C VAL B 203 14.91 23.33 17.75
N ALA B 204 15.86 22.42 17.57
CA ALA B 204 16.99 22.26 18.48
C ALA B 204 18.27 22.89 17.94
N LYS B 205 18.16 23.51 16.78
CA LYS B 205 19.31 24.22 16.21
C LYS B 205 19.30 25.64 16.74
N VAL B 206 19.60 25.77 18.04
CA VAL B 206 19.64 27.06 18.72
C VAL B 206 20.79 27.07 19.73
N ARG B 207 20.99 28.21 20.38
CA ARG B 207 22.05 28.32 21.39
C ARG B 207 21.61 27.61 22.66
N GLY B 208 22.55 26.94 23.32
CA GLY B 208 22.25 26.22 24.55
C GLY B 208 23.38 25.28 24.94
N GLU B 209 23.34 24.78 26.17
CA GLU B 209 24.44 23.98 26.72
C GLU B 209 24.24 22.47 26.68
N GLY B 210 22.96 22.07 26.63
CA GLY B 210 22.58 20.68 26.70
C GLY B 210 21.12 20.59 26.28
N ILE B 211 20.69 19.40 25.89
CA ILE B 211 19.33 19.26 25.36
C ILE B 211 18.45 18.39 26.27
N LEU B 212 17.29 18.93 26.62
CA LEU B 212 16.25 18.17 27.31
C LEU B 212 15.16 17.70 26.32
N PHE B 213 14.92 16.39 26.29
CA PHE B 213 13.84 15.85 25.47
C PHE B 213 12.71 15.36 26.37
N ILE B 214 11.50 15.85 26.13
CA ILE B 214 10.35 15.42 26.91
C ILE B 214 9.43 14.55 26.06
N GLY B 215 9.40 13.25 26.38
CA GLY B 215 8.62 12.27 25.64
C GLY B 215 9.15 10.87 25.84
N SER B 216 8.55 9.90 25.17
CA SER B 216 8.97 8.50 25.31
C SER B 216 9.81 8.03 24.12
N GLY B 217 10.52 6.92 24.30
CA GLY B 217 11.35 6.36 23.23
C GLY B 217 12.75 6.93 23.23
N ILE B 218 13.69 6.25 22.57
CA ILE B 218 15.05 6.78 22.46
C ILE B 218 15.44 7.23 21.05
N PHE B 219 14.53 7.08 20.08
CA PHE B 219 14.86 7.46 18.71
C PHE B 219 15.06 8.98 18.53
N HIS B 220 14.09 9.78 18.96
CA HIS B 220 14.26 11.23 18.94
C HIS B 220 15.50 11.71 19.71
N PRO B 221 15.64 11.30 20.99
CA PRO B 221 16.80 11.75 21.80
C PRO B 221 18.13 11.39 21.13
N LEU B 222 18.17 10.20 20.56
CA LEU B 222 19.32 9.75 19.79
C LEU B 222 19.52 10.64 18.55
N GLY B 223 18.44 10.85 17.79
CA GLY B 223 18.49 11.78 16.67
C GLY B 223 19.01 13.17 17.05
N LEU B 224 18.55 13.69 18.19
CA LEU B 224 19.01 14.98 18.72
C LEU B 224 20.50 14.99 19.06
N ALA B 225 20.96 13.92 19.71
CA ALA B 225 22.35 13.83 20.13
C ALA B 225 23.28 13.90 18.93
N VAL B 226 22.99 13.09 17.91
CA VAL B 226 23.78 13.05 16.69
C VAL B 226 23.69 14.36 15.89
N ALA B 227 22.48 14.88 15.72
CA ALA B 227 22.31 16.09 14.93
C ALA B 227 22.97 17.32 15.55
N THR B 228 23.03 17.38 16.89
CA THR B 228 23.52 18.58 17.55
C THR B 228 24.93 18.45 18.10
N ARG B 229 25.35 17.22 18.37
CA ARG B 229 26.59 16.96 19.11
C ARG B 229 26.55 17.54 20.53
N LYS B 230 25.37 17.68 21.10
CA LYS B 230 25.23 18.11 22.49
C LYS B 230 24.88 16.91 23.38
N LYS B 231 25.01 17.10 24.68
CA LYS B 231 24.55 16.11 25.65
C LYS B 231 23.02 16.09 25.65
N VAL B 232 22.42 14.91 25.66
CA VAL B 232 20.96 14.82 25.64
C VAL B 232 20.47 14.02 26.82
N LEU B 233 19.52 14.61 27.54
CA LEU B 233 18.76 13.94 28.61
C LEU B 233 17.31 13.75 28.16
N ALA B 234 16.82 12.51 28.23
CA ALA B 234 15.44 12.22 27.86
C ALA B 234 14.63 11.87 29.10
N ILE B 235 13.47 12.52 29.25
CA ILE B 235 12.56 12.20 30.35
C ILE B 235 11.18 11.74 29.85
N ASP B 236 10.80 10.51 30.20
CA ASP B 236 9.51 9.95 29.78
C ASP B 236 8.43 10.39 30.77
N PRO B 237 7.51 11.25 30.32
CA PRO B 237 6.48 11.82 31.21
C PRO B 237 5.52 10.78 31.80
N TYR B 238 5.38 9.62 31.17
CA TYR B 238 4.48 8.60 31.69
C TYR B 238 5.10 7.88 32.86
N THR B 239 6.36 7.50 32.70
CA THR B 239 7.08 6.67 33.65
C THR B 239 7.88 7.51 34.65
N LYS B 240 8.14 8.76 34.29
CA LYS B 240 9.06 9.62 35.05
C LYS B 240 10.52 9.12 35.04
N ALA B 241 10.78 8.10 34.25
CA ALA B 241 12.14 7.59 34.08
C ALA B 241 12.97 8.54 33.23
N PHE B 242 14.29 8.46 33.34
CA PHE B 242 15.19 9.30 32.55
C PHE B 242 16.29 8.50 31.86
N SER B 243 16.83 9.05 30.78
CA SER B 243 17.96 8.45 30.08
C SER B 243 18.93 9.50 29.60
N TRP B 244 20.20 9.28 29.91
CA TRP B 244 21.29 10.08 29.36
C TRP B 244 21.75 9.41 28.09
N ILE B 245 21.59 10.07 26.95
CA ILE B 245 21.85 9.42 25.66
C ILE B 245 23.34 9.32 25.30
N ASP B 246 23.76 8.13 24.87
CA ASP B 246 25.09 7.94 24.29
C ASP B 246 24.99 7.43 22.86
N PRO B 247 25.28 8.29 21.87
CA PRO B 247 25.11 7.92 20.46
C PRO B 247 26.19 6.98 19.90
N GLU B 248 27.30 6.80 20.61
CA GLU B 248 28.42 6.05 20.06
C GLU B 248 28.11 4.60 19.79
N ARG B 249 27.31 3.99 20.65
CA ARG B 249 26.89 2.60 20.42
C ARG B 249 26.04 2.50 19.14
N PHE B 250 25.22 3.52 18.91
CA PHE B 250 24.37 3.55 17.72
C PHE B 250 25.22 3.75 16.47
N ILE B 251 26.14 4.70 16.54
CA ILE B 251 27.02 5.03 15.44
C ILE B 251 27.89 3.84 15.06
N ARG B 252 28.45 3.17 16.07
CA ARG B 252 29.17 1.94 15.82
C ARG B 252 28.28 0.90 15.12
N LYS B 253 27.06 0.73 15.61
CA LYS B 253 26.15 -0.24 14.99
C LYS B 253 25.89 0.11 13.52
N ARG B 254 25.73 1.39 13.21
CA ARG B 254 25.50 1.82 11.83
C ARG B 254 26.73 1.56 10.97
N TRP B 255 27.92 1.74 11.55
CA TRP B 255 29.16 1.57 10.82
C TRP B 255 29.38 0.13 10.34
N ALA B 256 28.79 -0.83 11.04
CA ALA B 256 28.86 -2.22 10.64
C ALA B 256 28.00 -2.51 9.40
N GLN B 257 26.88 -1.80 9.28
CA GLN B 257 26.07 -1.88 8.07
C GLN B 257 26.81 -1.24 6.91
N ILE B 258 27.47 -0.11 7.18
CA ILE B 258 28.23 0.54 6.14
C ILE B 258 29.37 -0.37 5.69
N ALA B 259 29.99 -1.07 6.64
CA ALA B 259 31.11 -1.95 6.30
C ALA B 259 30.66 -3.13 5.42
N LYS B 260 29.54 -3.76 5.79
CA LYS B 260 28.96 -4.85 5.01
C LYS B 260 28.69 -4.42 3.56
N ALA B 261 28.32 -3.16 3.39
CA ALA B 261 27.92 -2.65 2.09
C ALA B 261 29.15 -2.27 1.27
N MET B 262 30.30 -2.25 1.91
CA MET B 262 31.54 -1.84 1.27
C MET B 262 31.83 -2.61 -0.02
N ASP B 263 31.52 -3.90 -0.01
CA ASP B 263 31.83 -4.73 -1.16
C ASP B 263 30.67 -4.90 -2.14
N ALA B 264 29.49 -4.43 -1.78
CA ALA B 264 28.32 -4.52 -2.67
C ALA B 264 28.57 -3.86 -4.03
N LYS B 265 28.10 -4.50 -5.10
CA LYS B 265 28.20 -3.94 -6.45
C LYS B 265 26.88 -3.32 -6.93
N LYS B 266 25.78 -3.86 -6.44
CA LYS B 266 24.47 -3.50 -6.98
C LYS B 266 23.59 -2.92 -5.89
N PHE B 267 23.14 -1.69 -6.13
CA PHE B 267 22.33 -0.97 -5.15
C PHE B 267 20.93 -0.68 -5.66
N GLY B 268 19.96 -0.73 -4.75
CA GLY B 268 18.62 -0.25 -5.05
C GLY B 268 18.40 1.01 -4.23
N VAL B 269 17.91 2.06 -4.86
CA VAL B 269 17.71 3.35 -4.20
C VAL B 269 16.24 3.71 -4.13
N ILE B 270 15.70 3.74 -2.91
CA ILE B 270 14.26 3.75 -2.70
C ILE B 270 13.63 5.12 -2.39
N VAL B 271 12.53 5.44 -3.08
CA VAL B 271 11.74 6.61 -2.71
C VAL B 271 10.33 6.19 -2.33
N SER B 272 9.65 7.07 -1.59
CA SER B 272 8.26 6.87 -1.25
C SER B 272 7.42 7.94 -1.95
N ILE B 273 6.26 7.56 -2.46
CA ILE B 273 5.37 8.53 -3.10
C ILE B 273 4.49 9.33 -2.12
N LYS B 274 4.49 8.96 -0.84
CA LYS B 274 3.79 9.75 0.18
C LYS B 274 4.11 11.24 -0.02
N LYS B 275 3.09 12.09 0.05
CA LYS B 275 3.21 13.49 -0.36
C LYS B 275 4.39 14.18 0.30
N GLY B 276 4.50 14.01 1.61
CA GLY B 276 5.58 14.64 2.35
C GLY B 276 6.86 13.84 2.42
N GLN B 277 6.96 12.75 1.64
CA GLN B 277 8.13 11.89 1.72
C GLN B 277 8.93 11.76 0.43
N LEU B 278 8.30 12.05 -0.70
CA LEU B 278 8.96 11.87 -1.98
C LEU B 278 10.23 12.72 -2.04
N ARG B 279 11.35 12.11 -2.38
CA ARG B 279 12.61 12.83 -2.52
C ARG B 279 13.31 12.39 -3.80
N LEU B 280 12.65 12.63 -4.94
CA LEU B 280 13.11 12.12 -6.24
C LEU B 280 14.48 12.66 -6.60
N ALA B 281 14.61 13.97 -6.65
CA ALA B 281 15.87 14.61 -7.04
C ALA B 281 17.06 14.06 -6.26
N GLU B 282 16.87 13.88 -4.96
CA GLU B 282 17.94 13.40 -4.10
C GLU B 282 18.28 11.94 -4.42
N ALA B 283 17.25 11.12 -4.61
CA ALA B 283 17.47 9.73 -5.01
C ALA B 283 18.17 9.66 -6.38
N LYS B 284 17.74 10.49 -7.32
CA LYS B 284 18.42 10.52 -8.62
C LYS B 284 19.90 10.81 -8.41
N ARG B 285 20.17 11.83 -7.61
CA ARG B 285 21.53 12.23 -7.27
C ARG B 285 22.33 11.05 -6.72
N ILE B 286 21.73 10.31 -5.79
CA ILE B 286 22.43 9.17 -5.18
C ILE B 286 22.69 8.09 -6.22
N VAL B 287 21.75 7.88 -7.13
CA VAL B 287 21.95 6.92 -8.20
C VAL B 287 23.16 7.30 -9.04
N LYS B 288 23.21 8.56 -9.49
CA LYS B 288 24.30 9.05 -10.31
C LYS B 288 25.63 8.91 -9.56
N LEU B 289 25.58 9.12 -8.25
CA LEU B 289 26.79 9.14 -7.44
C LEU B 289 27.38 7.75 -7.28
N LEU B 290 26.53 6.75 -7.08
CA LEU B 290 27.00 5.38 -6.96
C LEU B 290 27.59 4.86 -8.28
N LYS B 291 26.98 5.27 -9.39
CA LYS B 291 27.47 4.83 -10.69
C LYS B 291 28.84 5.44 -10.95
N LYS B 292 29.00 6.73 -10.63
CA LYS B 292 30.26 7.43 -10.86
C LYS B 292 31.39 6.77 -10.08
N HIS B 293 31.05 6.12 -8.97
CA HIS B 293 32.05 5.36 -8.21
C HIS B 293 32.05 3.88 -8.53
N GLY B 294 31.62 3.55 -9.74
CA GLY B 294 31.69 2.18 -10.24
C GLY B 294 30.82 1.18 -9.49
N ARG B 295 29.60 1.60 -9.15
CA ARG B 295 28.59 0.68 -8.66
C ARG B 295 27.41 0.72 -9.63
N GLU B 296 26.56 -0.29 -9.57
CA GLU B 296 25.30 -0.21 -10.30
C GLU B 296 24.22 0.26 -9.34
N ALA B 297 23.29 1.05 -9.83
CA ALA B 297 22.25 1.60 -8.97
C ALA B 297 20.98 1.76 -9.73
N ARG B 298 19.87 1.39 -9.11
CA ARG B 298 18.57 1.52 -9.73
C ARG B 298 17.61 2.19 -8.76
N LEU B 299 16.88 3.18 -9.25
CA LEU B 299 15.90 3.85 -8.40
C LEU B 299 14.66 2.98 -8.33
N ILE B 300 14.13 2.80 -7.11
CA ILE B 300 12.93 1.98 -6.88
C ILE B 300 11.84 2.88 -6.27
N VAL B 301 10.61 2.72 -6.74
CA VAL B 301 9.50 3.57 -6.32
C VAL B 301 8.50 2.72 -5.52
N MET B 302 8.24 3.15 -4.27
CA MET B 302 7.29 2.46 -3.38
C MET B 302 6.28 3.45 -2.78
N ASN B 303 5.31 2.95 -2.04
CA ASN B 303 4.53 3.81 -1.16
C ASN B 303 4.98 3.55 0.26
N ASP B 304 4.43 2.50 0.88
CA ASP B 304 4.98 2.07 2.15
C ASP B 304 6.33 1.42 1.89
N VAL B 305 7.40 2.02 2.42
CA VAL B 305 8.73 1.47 2.28
C VAL B 305 8.92 0.26 3.18
N ASN B 306 8.95 -0.91 2.55
CA ASN B 306 8.81 -2.16 3.25
C ASN B 306 9.77 -3.19 2.66
N TYR B 307 10.82 -3.53 3.43
CA TYR B 307 11.84 -4.45 2.98
C TYR B 307 11.27 -5.71 2.37
N HIS B 308 10.30 -6.30 3.05
CA HIS B 308 9.70 -7.55 2.60
C HIS B 308 9.48 -7.59 1.09
N LYS B 309 8.86 -6.55 0.54
CA LYS B 309 8.46 -6.54 -0.87
C LYS B 309 9.66 -6.61 -1.83
N LEU B 310 10.85 -6.35 -1.31
CA LEU B 310 12.05 -6.23 -2.15
C LEU B 310 12.90 -7.50 -2.23
N GLU B 311 12.50 -8.54 -1.51
CA GLU B 311 13.38 -9.69 -1.33
C GLU B 311 13.76 -10.42 -2.62
N GLY B 312 12.96 -10.26 -3.67
CA GLY B 312 13.24 -10.93 -4.93
C GLY B 312 14.15 -10.17 -5.88
N PHE B 313 14.34 -8.88 -5.68
CA PHE B 313 15.22 -8.11 -6.57
C PHE B 313 16.67 -8.56 -6.40
N PRO B 314 17.50 -8.34 -7.43
CA PRO B 314 18.87 -8.85 -7.38
C PRO B 314 19.87 -7.94 -6.65
N PHE B 315 19.44 -6.86 -6.02
CA PHE B 315 20.38 -5.90 -5.40
C PHE B 315 21.03 -6.40 -4.11
N GLU B 316 22.27 -5.97 -3.88
CA GLU B 316 23.07 -6.43 -2.74
C GLU B 316 22.95 -5.49 -1.53
N ALA B 317 22.56 -4.24 -1.80
CA ALA B 317 22.35 -3.27 -0.73
C ALA B 317 21.31 -2.25 -1.15
N TYR B 318 20.82 -1.49 -0.17
CA TYR B 318 19.77 -0.51 -0.41
C TYR B 318 20.05 0.83 0.25
N VAL B 319 19.59 1.89 -0.39
CA VAL B 319 19.62 3.20 0.20
C VAL B 319 18.18 3.68 0.28
N VAL B 320 17.72 4.00 1.48
CA VAL B 320 16.38 4.58 1.63
C VAL B 320 16.45 6.10 1.64
N VAL B 321 15.78 6.74 0.68
CA VAL B 321 15.73 8.19 0.58
C VAL B 321 14.28 8.64 0.85
N ALA B 322 13.80 8.36 2.06
CA ALA B 322 12.45 8.72 2.45
C ALA B 322 12.49 9.25 3.88
N CYS B 323 11.90 8.51 4.81
CA CYS B 323 11.93 8.88 6.23
C CYS B 323 12.95 8.04 6.96
N PRO B 324 13.84 8.71 7.71
CA PRO B 324 14.99 8.08 8.39
C PRO B 324 14.60 6.89 9.28
N ARG B 325 13.35 6.88 9.76
CA ARG B 325 12.89 5.84 10.69
C ARG B 325 13.05 4.43 10.13
N VAL B 326 12.87 4.29 8.82
CA VAL B 326 12.87 2.98 8.18
C VAL B 326 14.14 2.14 8.41
N PRO B 327 15.31 2.58 7.87
CA PRO B 327 16.56 1.82 8.04
C PRO B 327 17.12 1.84 9.46
N LEU B 328 17.35 3.06 9.99
CA LEU B 328 17.88 3.25 11.34
C LEU B 328 17.14 2.43 12.40
N ASP B 329 15.81 2.44 12.33
CA ASP B 329 15.00 1.68 13.26
C ASP B 329 14.17 0.60 12.54
N GLY B 332 16.54 -2.36 11.17
CA GLY B 332 17.63 -3.18 11.70
C GLY B 332 17.31 -4.65 11.74
N ALA B 333 16.55 -5.12 10.74
CA ALA B 333 16.13 -6.52 10.67
C ALA B 333 16.20 -7.03 9.22
N TRP B 334 16.58 -6.14 8.31
CA TRP B 334 16.72 -6.46 6.90
C TRP B 334 17.91 -7.40 6.67
N ARG B 335 17.80 -8.28 5.67
CA ARG B 335 18.87 -9.22 5.35
C ARG B 335 20.09 -8.51 4.75
N LYS B 336 19.86 -7.76 3.67
CA LYS B 336 20.88 -6.91 3.06
C LYS B 336 21.05 -5.61 3.86
N PRO B 337 22.21 -4.96 3.73
CA PRO B 337 22.35 -3.67 4.41
C PRO B 337 21.40 -2.67 3.80
N VAL B 338 20.88 -1.76 4.61
CA VAL B 338 20.11 -0.65 4.09
C VAL B 338 20.60 0.64 4.76
N LEU B 339 20.99 1.60 3.95
CA LEU B 339 21.65 2.80 4.41
C LEU B 339 20.77 4.02 4.16
N THR B 340 21.09 5.11 4.85
CA THR B 340 20.51 6.40 4.54
C THR B 340 21.41 7.07 3.53
N PRO B 341 20.96 8.21 2.97
CA PRO B 341 21.81 8.93 2.02
C PRO B 341 23.10 9.45 2.65
N LYS B 342 23.07 9.84 3.92
CA LYS B 342 24.29 10.27 4.61
C LYS B 342 25.28 9.12 4.65
N GLU B 343 24.78 7.97 5.08
CA GLU B 343 25.61 6.78 5.18
C GLU B 343 26.26 6.36 3.88
N VAL B 344 25.55 6.49 2.76
CA VAL B 344 26.16 6.06 1.51
C VAL B 344 27.25 7.04 1.10
N GLU B 345 27.08 8.30 1.47
CA GLU B 345 28.13 9.30 1.25
C GLU B 345 29.39 8.93 2.04
N ILE B 346 29.20 8.38 3.23
CA ILE B 346 30.32 7.89 4.01
C ILE B 346 30.89 6.63 3.34
N LEU B 347 30.02 5.78 2.84
CA LEU B 347 30.47 4.54 2.24
C LEU B 347 31.42 4.83 1.09
N LEU B 348 31.11 5.84 0.31
CA LEU B 348 31.92 6.20 -0.85
C LEU B 348 33.08 7.12 -0.43
N GLY B 349 33.24 7.28 0.88
CA GLY B 349 34.30 8.11 1.44
C GLY B 349 34.23 9.57 1.03
N LEU B 350 33.03 10.06 0.72
CA LEU B 350 32.83 11.49 0.47
C LEU B 350 32.35 12.24 1.71
N ARG B 351 32.34 11.55 2.84
CA ARG B 351 31.89 12.12 4.11
C ARG B 351 32.58 11.40 5.25
N GLU B 352 33.03 12.14 6.25
CA GLU B 352 33.85 11.53 7.30
C GLU B 352 33.12 11.27 8.61
N GLU B 353 32.47 12.31 9.15
CA GLU B 353 31.69 12.14 10.37
C GLU B 353 30.26 11.66 10.12
N TYR B 354 29.75 10.89 11.06
CA TYR B 354 28.40 10.37 10.96
C TYR B 354 27.40 11.49 11.05
N GLU B 355 26.29 11.33 10.33
CA GLU B 355 25.27 12.36 10.27
C GLU B 355 23.89 11.74 10.14
N PHE B 356 22.93 12.27 10.90
CA PHE B 356 21.56 11.82 10.88
C PHE B 356 20.86 12.39 9.65
N ASP B 357 20.02 11.58 9.02
CA ASP B 357 19.29 12.01 7.84
C ASP B 357 18.06 12.79 8.29
N GLU B 358 17.93 14.04 7.87
CA GLU B 358 16.74 14.84 8.17
C GLU B 358 16.11 15.33 6.88
N ILE B 359 14.77 15.35 6.84
CA ILE B 359 14.05 16.08 5.80
C ILE B 359 13.70 17.49 6.30
N LEU B 360 14.41 18.48 5.76
CA LEU B 360 14.27 19.86 6.17
C LEU B 360 13.15 20.57 5.43
N GLY B 361 12.47 21.50 6.11
CA GLY B 361 11.45 22.32 5.49
C GLY B 361 11.96 23.72 5.22
N GLY B 362 11.08 24.61 4.79
CA GLY B 362 11.44 26.01 4.62
C GLY B 362 10.97 26.84 5.81
N PRO B 363 11.35 28.13 5.84
CA PRO B 363 10.91 29.03 6.92
C PRO B 363 9.39 28.96 7.14
N ARG B 364 8.96 28.99 8.40
CA ARG B 364 7.55 28.87 8.72
C ARG B 364 6.96 30.22 9.16
N GLU B 365 5.87 30.60 8.51
CA GLU B 365 5.25 31.89 8.75
C GLU B 365 4.74 31.96 10.17
N SER B 366 3.62 31.28 10.43
CA SER B 366 3.00 31.27 11.74
C SER B 366 2.99 29.85 12.33
N ASP B 367 2.32 29.68 13.47
CA ASP B 367 2.23 28.40 14.12
C ASP B 367 0.81 27.82 14.02
N GLU B 368 0.70 26.53 14.22
CA GLU B 368 -0.60 25.85 14.29
C GLU B 368 -1.23 26.03 15.67
N PRO B 369 -2.52 25.78 15.75
CA PRO B 369 -3.28 25.95 16.99
C PRO B 369 -3.27 24.75 17.87
N PHE B 370 -3.45 24.92 19.15
CA PHE B 370 -3.48 23.80 20.08
C PHE B 370 -4.87 23.17 20.11
N GLY B 371 -5.25 22.58 18.97
CA GLY B 371 -6.58 22.02 18.79
C GLY B 371 -6.83 21.89 17.29
N ILE B 372 -8.10 21.84 16.90
CA ILE B 372 -8.48 21.69 15.48
C ILE B 372 -7.93 22.80 14.57
N SER B 373 -7.60 22.42 13.34
CA SER B 373 -7.23 23.36 12.29
C SER B 373 -7.70 22.83 10.95
N ILE B 374 -7.85 23.73 9.97
CA ILE B 374 -8.30 23.32 8.66
C ILE B 374 -7.50 24.07 7.60
N HIS B 375 -7.09 23.34 6.55
CA HIS B 375 -6.30 23.90 5.46
C HIS B 375 -6.80 23.38 4.13
N SER B 376 -6.49 24.10 3.04
CA SER B 376 -6.94 23.72 1.71
C SER B 376 -6.00 24.30 0.64
N THR B 377 -6.07 23.75 -0.57
CA THR B 377 -5.26 24.25 -1.68
C THR B 377 -6.10 24.39 -2.95
#